data_2EGI
#
_entry.id   2EGI
#
_cell.length_a   98.493
_cell.length_b   97.754
_cell.length_c   113.194
_cell.angle_alpha   90.00
_cell.angle_beta   90.00
_cell.angle_gamma   90.00
#
_symmetry.space_group_name_H-M   'P 21 21 2'
#
loop_
_entity.id
_entity.type
_entity.pdbx_description
1 polymer 'Hypothetical protein aq_1494'
2 non-polymer GLYCEROL
3 water water
#
_entity_poly.entity_id   1
_entity_poly.type   'polypeptide(L)'
_entity_poly.pdbx_seq_one_letter_code
;MPFIYRRRVQFYETDAQGIVHHSNYFRYFEEARGEFLRSKGFPYSKMRDMGLEVVLLNAYCEYKKPLFYDDVFEVHLNLE
ELSRFTFTFSYIVFKEDIAVAKANTKHCMVKNGKIVSIPKEVLEVLKD
;
_entity_poly.pdbx_strand_id   A,C,D,E,F,G,H,I
#
loop_
_chem_comp.id
_chem_comp.type
_chem_comp.name
_chem_comp.formula
GOL non-polymer GLYCEROL 'C3 H8 O3'
#
# COMPACT_ATOMS: atom_id res chain seq x y z
N PRO A 2 -24.43 -8.90 2.34
CA PRO A 2 -24.36 -7.45 1.99
C PRO A 2 -25.57 -6.68 2.55
N PHE A 3 -25.30 -5.68 3.37
CA PHE A 3 -26.34 -4.85 3.98
C PHE A 3 -26.47 -3.55 3.20
N ILE A 4 -27.69 -3.27 2.74
CA ILE A 4 -27.95 -2.06 1.97
C ILE A 4 -28.54 -0.95 2.81
N TYR A 5 -27.92 0.22 2.70
CA TYR A 5 -28.39 1.39 3.41
C TYR A 5 -28.74 2.43 2.34
N ARG A 6 -29.96 2.98 2.42
CA ARG A 6 -30.44 3.97 1.46
C ARG A 6 -30.33 5.39 2.02
N ARG A 7 -29.94 6.34 1.18
CA ARG A 7 -29.76 7.72 1.62
C ARG A 7 -29.80 8.70 0.45
N ARG A 8 -30.19 9.94 0.73
CA ARG A 8 -30.24 10.99 -0.28
C ARG A 8 -29.32 12.13 0.19
N VAL A 9 -28.62 12.76 -0.76
CA VAL A 9 -27.68 13.83 -0.44
C VAL A 9 -28.37 15.11 0.06
N GLN A 10 -27.97 15.56 1.25
CA GLN A 10 -28.51 16.79 1.82
C GLN A 10 -27.68 17.97 1.30
N PHE A 11 -28.29 19.14 1.20
CA PHE A 11 -27.60 20.29 0.64
C PHE A 11 -26.36 20.73 1.46
N TYR A 12 -26.49 20.79 2.77
CA TYR A 12 -25.38 21.20 3.64
C TYR A 12 -24.19 20.23 3.54
N GLU A 13 -24.37 19.10 2.86
CA GLU A 13 -23.31 18.12 2.74
C GLU A 13 -22.39 18.38 1.56
N THR A 14 -22.79 19.31 0.70
CA THR A 14 -21.97 19.66 -0.47
C THR A 14 -21.09 20.88 -0.15
N ASP A 15 -20.10 21.13 -1.00
CA ASP A 15 -19.23 22.28 -0.84
C ASP A 15 -19.27 23.10 -2.13
N ALA A 16 -18.53 24.20 -2.14
CA ALA A 16 -18.51 25.09 -3.29
C ALA A 16 -18.27 24.41 -4.64
N GLN A 17 -17.54 23.30 -4.63
CA GLN A 17 -17.26 22.59 -5.87
C GLN A 17 -18.55 21.97 -6.44
N GLY A 18 -19.61 22.00 -5.65
CA GLY A 18 -20.88 21.44 -6.10
C GLY A 18 -20.99 19.95 -5.92
N ILE A 19 -20.14 19.37 -5.06
CA ILE A 19 -20.17 17.92 -4.82
C ILE A 19 -20.12 17.65 -3.32
N VAL A 20 -20.47 16.42 -2.95
CA VAL A 20 -20.41 16.04 -1.55
C VAL A 20 -18.96 16.07 -1.08
N HIS A 21 -18.69 16.78 0.01
CA HIS A 21 -17.33 16.85 0.53
C HIS A 21 -16.88 15.45 0.89
N HIS A 22 -15.63 15.12 0.55
CA HIS A 22 -15.09 13.79 0.81
C HIS A 22 -15.18 13.33 2.26
N SER A 23 -15.06 14.26 3.21
CA SER A 23 -15.14 13.93 4.64
C SER A 23 -16.52 13.43 5.07
N ASN A 24 -17.55 13.79 4.32
CA ASN A 24 -18.91 13.36 4.65
C ASN A 24 -19.19 11.89 4.33
N TYR A 25 -18.38 11.31 3.45
CA TYR A 25 -18.56 9.88 3.11
C TYR A 25 -18.37 9.03 4.36
N PHE A 26 -17.39 9.38 5.18
CA PHE A 26 -17.13 8.64 6.41
C PHE A 26 -18.35 8.72 7.32
N ARG A 27 -19.09 9.82 7.21
CA ARG A 27 -20.28 9.97 8.02
C ARG A 27 -21.37 9.06 7.43
N TYR A 28 -21.37 8.89 6.11
CA TYR A 28 -22.33 8.01 5.46
C TYR A 28 -22.06 6.57 5.87
N PHE A 29 -20.77 6.22 6.00
CA PHE A 29 -20.38 4.88 6.40
C PHE A 29 -20.77 4.65 7.87
N GLU A 30 -20.73 5.70 8.67
CA GLU A 30 -21.10 5.57 10.07
C GLU A 30 -22.59 5.26 10.13
N GLU A 31 -23.37 5.98 9.33
CA GLU A 31 -24.81 5.76 9.29
C GLU A 31 -25.15 4.33 8.83
N ALA A 32 -24.37 3.83 7.88
CA ALA A 32 -24.55 2.47 7.37
C ALA A 32 -24.32 1.48 8.49
N ARG A 33 -23.23 1.67 9.24
CA ARG A 33 -22.89 0.80 10.35
C ARG A 33 -24.00 0.82 11.40
N GLY A 34 -24.59 2.00 11.61
CA GLY A 34 -25.64 2.16 12.59
C GLY A 34 -26.88 1.35 12.27
N GLU A 35 -27.34 1.42 11.03
CA GLU A 35 -28.52 0.65 10.64
C GLU A 35 -28.21 -0.82 10.61
N PHE A 36 -27.01 -1.18 10.17
CA PHE A 36 -26.59 -2.58 10.13
C PHE A 36 -26.72 -3.21 11.52
N LEU A 37 -26.10 -2.59 12.53
CA LEU A 37 -26.16 -3.11 13.89
C LEU A 37 -27.59 -3.07 14.44
N ARG A 38 -28.37 -2.09 14.03
CA ARG A 38 -29.75 -1.99 14.50
C ARG A 38 -30.58 -3.14 13.91
N SER A 39 -30.35 -3.43 12.63
CA SER A 39 -31.10 -4.51 11.96
C SER A 39 -30.83 -5.85 12.66
N LYS A 40 -29.71 -5.95 13.37
CA LYS A 40 -29.40 -7.18 14.06
C LYS A 40 -30.06 -7.22 15.42
N GLY A 41 -30.64 -6.09 15.82
CA GLY A 41 -31.34 -6.01 17.10
C GLY A 41 -30.46 -5.57 18.26
N PHE A 42 -29.24 -5.17 17.95
CA PHE A 42 -28.29 -4.74 18.97
C PHE A 42 -27.60 -3.49 18.43
N PRO A 43 -28.27 -2.33 18.47
CA PRO A 43 -27.71 -1.07 17.97
C PRO A 43 -26.53 -0.58 18.80
N TYR A 44 -25.67 0.21 18.17
CA TYR A 44 -24.50 0.76 18.83
C TYR A 44 -24.81 1.50 20.12
N SER A 45 -25.96 2.16 20.17
CA SER A 45 -26.36 2.91 21.37
C SER A 45 -26.51 1.96 22.55
N LYS A 46 -27.02 0.77 22.28
CA LYS A 46 -27.21 -0.25 23.30
C LYS A 46 -25.84 -0.69 23.81
N MET A 47 -24.90 -0.83 22.90
CA MET A 47 -23.54 -1.23 23.27
C MET A 47 -22.94 -0.20 24.23
N ARG A 48 -23.20 1.08 23.94
CA ARG A 48 -22.68 2.18 24.76
C ARG A 48 -23.25 2.26 26.15
N ASP A 49 -24.55 2.00 26.28
CA ASP A 49 -25.22 2.05 27.58
C ASP A 49 -24.86 0.81 28.35
N MET A 50 -23.91 0.06 27.80
CA MET A 50 -23.44 -1.18 28.36
C MET A 50 -21.97 -0.99 28.70
N GLY A 51 -21.47 0.21 28.51
CA GLY A 51 -20.07 0.50 28.80
C GLY A 51 -19.13 0.14 27.67
N LEU A 52 -19.66 -0.41 26.59
CA LEU A 52 -18.82 -0.80 25.45
C LEU A 52 -18.61 0.41 24.55
N GLU A 53 -17.45 0.46 23.89
CA GLU A 53 -17.12 1.56 23.00
C GLU A 53 -16.41 0.99 21.77
N VAL A 54 -16.89 1.38 20.59
CA VAL A 54 -16.28 0.92 19.37
C VAL A 54 -15.28 1.99 18.95
N VAL A 55 -14.01 1.61 18.90
CA VAL A 55 -12.96 2.55 18.52
C VAL A 55 -12.49 2.34 17.08
N LEU A 56 -12.45 3.43 16.32
CA LEU A 56 -12.00 3.37 14.92
C LEU A 56 -10.49 3.36 14.89
N LEU A 57 -9.92 2.36 14.23
CA LEU A 57 -8.46 2.25 14.11
C LEU A 57 -7.93 2.95 12.85
N ASN A 58 -8.58 2.70 11.71
CA ASN A 58 -8.22 3.32 10.43
C ASN A 58 -9.39 3.33 9.45
N ALA A 59 -9.38 4.29 8.54
CA ALA A 59 -10.44 4.46 7.56
C ALA A 59 -9.83 4.77 6.20
N TYR A 60 -10.44 4.23 5.15
CA TYR A 60 -9.96 4.47 3.78
C TYR A 60 -11.11 4.67 2.82
N CYS A 61 -10.91 5.55 1.83
CA CYS A 61 -11.94 5.79 0.83
C CYS A 61 -11.34 6.18 -0.52
N GLU A 62 -11.82 5.54 -1.58
CA GLU A 62 -11.41 5.83 -2.95
C GLU A 62 -12.60 6.55 -3.57
N TYR A 63 -12.36 7.66 -4.25
CA TYR A 63 -13.44 8.40 -4.87
C TYR A 63 -13.34 8.28 -6.40
N LYS A 64 -14.34 7.70 -7.04
CA LYS A 64 -14.33 7.51 -8.49
C LYS A 64 -15.19 8.55 -9.19
N LYS A 65 -16.46 8.64 -8.79
CA LYS A 65 -17.42 9.59 -9.33
C LYS A 65 -18.03 10.35 -8.14
N PRO A 66 -18.34 11.65 -8.34
CA PRO A 66 -18.91 12.47 -7.27
C PRO A 66 -20.39 12.26 -7.04
N LEU A 67 -20.87 12.80 -5.93
CA LEU A 67 -22.28 12.76 -5.57
C LEU A 67 -22.72 14.21 -5.51
N PHE A 68 -23.91 14.48 -6.03
CA PHE A 68 -24.47 15.82 -6.07
C PHE A 68 -25.67 15.95 -5.15
N TYR A 69 -26.02 17.19 -4.82
CA TYR A 69 -27.17 17.46 -3.99
C TYR A 69 -28.37 16.71 -4.55
N ASP A 70 -29.19 16.17 -3.65
CA ASP A 70 -30.40 15.46 -4.01
C ASP A 70 -30.21 14.12 -4.71
N ASP A 71 -28.97 13.66 -4.77
CA ASP A 71 -28.70 12.36 -5.38
C ASP A 71 -29.15 11.26 -4.42
N VAL A 72 -29.73 10.21 -4.99
CA VAL A 72 -30.17 9.05 -4.23
C VAL A 72 -29.03 8.07 -4.43
N PHE A 73 -28.61 7.42 -3.35
CA PHE A 73 -27.51 6.47 -3.45
C PHE A 73 -27.60 5.43 -2.37
N GLU A 74 -26.82 4.37 -2.53
CA GLU A 74 -26.84 3.29 -1.56
C GLU A 74 -25.43 2.97 -1.09
N VAL A 75 -25.33 2.62 0.19
CA VAL A 75 -24.05 2.23 0.74
C VAL A 75 -24.20 0.75 1.01
N HIS A 76 -23.39 -0.05 0.33
CA HIS A 76 -23.42 -1.49 0.50
C HIS A 76 -22.31 -1.90 1.47
N LEU A 77 -22.72 -2.21 2.69
CA LEU A 77 -21.78 -2.60 3.72
C LEU A 77 -21.57 -4.12 3.74
N ASN A 78 -20.33 -4.52 4.01
CA ASN A 78 -19.92 -5.92 4.07
C ASN A 78 -18.93 -6.12 5.22
N LEU A 79 -19.16 -7.14 6.03
CA LEU A 79 -18.23 -7.44 7.12
C LEU A 79 -17.06 -8.13 6.45
N GLU A 80 -15.89 -7.51 6.49
CA GLU A 80 -14.71 -8.07 5.87
C GLU A 80 -13.98 -9.06 6.75
N GLU A 81 -13.73 -8.68 8.00
CA GLU A 81 -13.01 -9.54 8.92
C GLU A 81 -13.47 -9.40 10.36
N LEU A 82 -13.67 -10.56 11.00
CA LEU A 82 -14.08 -10.62 12.39
C LEU A 82 -13.03 -11.43 13.13
N SER A 83 -12.16 -10.74 13.86
CA SER A 83 -11.12 -11.42 14.62
C SER A 83 -11.47 -11.31 16.09
N ARG A 84 -10.55 -11.73 16.97
CA ARG A 84 -10.82 -11.66 18.38
C ARG A 84 -10.88 -10.24 18.95
N PHE A 85 -10.05 -9.33 18.43
CA PHE A 85 -10.02 -7.97 18.93
C PHE A 85 -10.46 -6.89 17.94
N THR A 86 -10.64 -7.24 16.68
CA THR A 86 -11.03 -6.24 15.69
C THR A 86 -12.01 -6.75 14.66
N PHE A 87 -12.68 -5.82 14.00
CA PHE A 87 -13.58 -6.17 12.92
C PHE A 87 -13.42 -5.11 11.85
N THR A 88 -13.58 -5.52 10.60
CA THR A 88 -13.41 -4.62 9.47
C THR A 88 -14.60 -4.62 8.54
N PHE A 89 -14.97 -3.42 8.08
CA PHE A 89 -16.08 -3.25 7.15
C PHE A 89 -15.56 -2.70 5.82
N SER A 90 -16.17 -3.14 4.73
CA SER A 90 -15.82 -2.65 3.40
C SER A 90 -17.10 -2.01 2.92
N TYR A 91 -16.99 -0.92 2.17
CA TYR A 91 -18.19 -0.27 1.69
C TYR A 91 -18.06 0.06 0.20
N ILE A 92 -19.20 0.06 -0.47
CA ILE A 92 -19.27 0.43 -1.87
C ILE A 92 -20.44 1.37 -1.98
N VAL A 93 -20.19 2.53 -2.57
CA VAL A 93 -21.22 3.53 -2.74
C VAL A 93 -21.74 3.42 -4.16
N PHE A 94 -23.04 3.22 -4.29
CA PHE A 94 -23.68 3.08 -5.58
C PHE A 94 -24.69 4.19 -5.86
N LYS A 95 -24.65 4.71 -7.09
CA LYS A 95 -25.59 5.71 -7.54
C LYS A 95 -26.09 5.20 -8.88
N GLU A 96 -27.39 4.96 -8.98
CA GLU A 96 -27.97 4.42 -10.19
C GLU A 96 -27.19 3.15 -10.59
N ASP A 97 -26.88 2.36 -9.58
CA ASP A 97 -26.15 1.10 -9.76
C ASP A 97 -24.74 1.25 -10.23
N ILE A 98 -24.14 2.41 -9.99
CA ILE A 98 -22.75 2.59 -10.40
C ILE A 98 -21.88 2.87 -9.18
N ALA A 99 -20.74 2.17 -9.13
CA ALA A 99 -19.81 2.33 -8.04
C ALA A 99 -19.12 3.67 -8.15
N VAL A 100 -19.47 4.61 -7.28
CA VAL A 100 -18.86 5.94 -7.31
C VAL A 100 -17.76 6.09 -6.25
N ALA A 101 -17.64 5.10 -5.38
CA ALA A 101 -16.63 5.13 -4.32
C ALA A 101 -16.65 3.83 -3.53
N LYS A 102 -15.49 3.47 -3.00
CA LYS A 102 -15.38 2.26 -2.19
C LYS A 102 -14.50 2.61 -1.02
N ALA A 103 -14.72 1.92 0.10
CA ALA A 103 -13.98 2.22 1.30
C ALA A 103 -13.94 1.07 2.30
N ASN A 104 -13.32 1.32 3.44
CA ASN A 104 -13.26 0.35 4.50
C ASN A 104 -12.79 1.01 5.80
N THR A 105 -13.21 0.43 6.91
CA THR A 105 -12.86 0.93 8.22
C THR A 105 -12.54 -0.27 9.09
N LYS A 106 -11.66 -0.07 10.06
CA LYS A 106 -11.27 -1.12 10.98
C LYS A 106 -11.51 -0.59 12.39
N HIS A 107 -12.11 -1.44 13.21
CA HIS A 107 -12.46 -1.06 14.56
C HIS A 107 -12.00 -2.04 15.63
N CYS A 108 -11.87 -1.54 16.85
CA CYS A 108 -11.53 -2.39 17.99
C CYS A 108 -12.51 -1.93 19.05
N MET A 109 -12.56 -2.62 20.18
CA MET A 109 -13.47 -2.25 21.25
C MET A 109 -12.78 -2.01 22.58
N VAL A 110 -13.28 -1.01 23.31
CA VAL A 110 -12.75 -0.65 24.61
C VAL A 110 -13.85 -0.74 25.66
N LYS A 111 -13.52 -1.31 26.81
CA LYS A 111 -14.48 -1.40 27.91
C LYS A 111 -13.83 -1.04 29.24
N ILE A 115 -8.41 -1.72 25.86
CA ILE A 115 -8.68 -2.63 24.76
C ILE A 115 -9.11 -4.01 25.28
N VAL A 116 -10.29 -4.45 24.87
CA VAL A 116 -10.80 -5.75 25.29
C VAL A 116 -11.18 -6.65 24.12
N SER A 117 -11.42 -7.90 24.46
CA SER A 117 -11.82 -8.90 23.49
C SER A 117 -13.23 -8.51 23.00
N ILE A 118 -13.57 -8.80 21.75
CA ILE A 118 -14.91 -8.46 21.29
C ILE A 118 -15.83 -9.43 22.04
N PRO A 119 -16.75 -8.90 22.87
CA PRO A 119 -17.65 -9.75 23.64
C PRO A 119 -18.47 -10.72 22.78
N LYS A 120 -18.86 -11.84 23.40
CA LYS A 120 -19.64 -12.88 22.73
C LYS A 120 -20.90 -12.38 22.02
N GLU A 121 -21.74 -11.65 22.74
CA GLU A 121 -22.99 -11.15 22.17
C GLU A 121 -22.79 -10.18 21.00
N VAL A 122 -21.68 -9.45 20.99
CA VAL A 122 -21.43 -8.54 19.88
C VAL A 122 -20.97 -9.38 18.71
N LEU A 123 -20.12 -10.35 19.01
CA LEU A 123 -19.57 -11.25 18.02
C LEU A 123 -20.73 -11.87 17.25
N GLU A 124 -21.77 -12.22 18.02
CA GLU A 124 -22.97 -12.84 17.49
C GLU A 124 -23.73 -11.99 16.46
N VAL A 125 -23.72 -10.68 16.64
CA VAL A 125 -24.44 -9.80 15.71
C VAL A 125 -23.55 -9.23 14.62
N LEU A 126 -22.25 -9.47 14.72
CA LEU A 126 -21.33 -9.00 13.71
C LEU A 126 -21.19 -10.05 12.61
N LYS A 127 -21.35 -11.32 12.98
CA LYS A 127 -21.23 -12.43 12.03
C LYS A 127 -21.98 -12.16 10.72
N PRO B 2 8.24 19.58 4.74
CA PRO B 2 7.77 19.46 6.14
C PRO B 2 7.10 20.73 6.61
N PHE B 3 5.90 20.98 6.07
CA PHE B 3 5.11 22.16 6.39
C PHE B 3 4.30 21.92 7.65
N ILE B 4 4.39 22.87 8.59
CA ILE B 4 3.65 22.77 9.83
C ILE B 4 2.37 23.61 9.84
N TYR B 5 1.27 22.99 10.22
CA TYR B 5 -0.02 23.67 10.32
C TYR B 5 -0.48 23.55 11.77
N ARG B 6 -0.74 24.69 12.40
CA ARG B 6 -1.15 24.75 13.80
C ARG B 6 -2.64 25.02 13.94
N ARG B 7 -3.28 24.29 14.84
CA ARG B 7 -4.72 24.43 15.07
C ARG B 7 -5.10 23.94 16.47
N ARG B 8 -6.22 24.44 16.99
CA ARG B 8 -6.71 24.03 18.30
C ARG B 8 -8.08 23.37 18.07
N VAL B 9 -8.42 22.38 18.89
CA VAL B 9 -9.71 21.71 18.72
C VAL B 9 -10.90 22.58 19.15
N GLN B 10 -11.90 22.68 18.27
CA GLN B 10 -13.11 23.44 18.56
C GLN B 10 -14.13 22.45 19.09
N PHE B 11 -14.97 22.90 20.02
CA PHE B 11 -15.98 22.06 20.66
C PHE B 11 -16.95 21.36 19.70
N TYR B 12 -17.44 22.05 18.68
CA TYR B 12 -18.36 21.45 17.74
C TYR B 12 -17.75 20.34 16.87
N GLU B 13 -16.43 20.20 16.93
CA GLU B 13 -15.74 19.19 16.14
C GLU B 13 -15.67 17.86 16.88
N THR B 14 -16.17 17.86 18.10
CA THR B 14 -16.19 16.66 18.93
C THR B 14 -17.55 16.01 18.88
N ASP B 15 -17.65 14.77 19.39
CA ASP B 15 -18.91 14.06 19.45
C ASP B 15 -19.13 13.61 20.91
N ALA B 16 -20.17 12.79 21.14
CA ALA B 16 -20.51 12.33 22.48
C ALA B 16 -19.46 11.47 23.18
N GLN B 17 -18.56 10.88 22.40
CA GLN B 17 -17.52 10.04 22.98
C GLN B 17 -16.43 10.91 23.62
N GLY B 18 -16.56 12.21 23.51
CA GLY B 18 -15.59 13.13 24.09
C GLY B 18 -14.35 13.36 23.26
N ILE B 19 -14.37 12.97 21.99
CA ILE B 19 -13.22 13.15 21.10
C ILE B 19 -13.61 13.75 19.76
N VAL B 20 -12.61 14.19 19.02
CA VAL B 20 -12.83 14.77 17.70
C VAL B 20 -13.34 13.63 16.82
N HIS B 21 -14.45 13.86 16.13
CA HIS B 21 -15.00 12.82 15.26
C HIS B 21 -14.01 12.53 14.15
N HIS B 22 -13.80 11.25 13.86
CA HIS B 22 -12.82 10.87 12.85
C HIS B 22 -12.89 11.59 11.50
N SER B 23 -14.10 11.94 11.08
CA SER B 23 -14.30 12.63 9.80
C SER B 23 -13.70 14.04 9.75
N ASN B 24 -13.57 14.69 10.89
CA ASN B 24 -13.03 16.03 10.89
C ASN B 24 -11.52 16.08 10.60
N TYR B 25 -10.83 14.97 10.86
CA TYR B 25 -9.39 14.92 10.59
C TYR B 25 -9.12 15.29 9.14
N PHE B 26 -9.93 14.76 8.23
CA PHE B 26 -9.74 15.07 6.81
C PHE B 26 -9.95 16.56 6.57
N ARG B 27 -10.78 17.19 7.40
CA ARG B 27 -11.02 18.61 7.26
C ARG B 27 -9.76 19.35 7.72
N TYR B 28 -9.11 18.83 8.77
CA TYR B 28 -7.88 19.42 9.28
C TYR B 28 -6.80 19.31 8.19
N PHE B 29 -6.74 18.17 7.52
CA PHE B 29 -5.73 17.99 6.48
C PHE B 29 -5.99 18.95 5.32
N GLU B 30 -7.27 19.23 5.05
CA GLU B 30 -7.60 20.13 3.96
C GLU B 30 -7.14 21.54 4.30
N GLU B 31 -7.27 21.93 5.57
CA GLU B 31 -6.84 23.26 5.99
C GLU B 31 -5.33 23.31 5.84
N ALA B 32 -4.65 22.25 6.25
CA ALA B 32 -3.20 22.18 6.16
C ALA B 32 -2.72 22.29 4.71
N ARG B 33 -3.42 21.64 3.79
CA ARG B 33 -3.05 21.72 2.39
C ARG B 33 -3.24 23.15 1.95
N GLY B 34 -4.32 23.76 2.44
CA GLY B 34 -4.63 25.13 2.11
C GLY B 34 -3.55 26.12 2.49
N GLU B 35 -2.99 25.96 3.68
CA GLU B 35 -1.94 26.88 4.09
C GLU B 35 -0.63 26.55 3.39
N PHE B 36 -0.45 25.28 3.07
CA PHE B 36 0.76 24.87 2.37
C PHE B 36 0.78 25.57 1.01
N LEU B 37 -0.28 25.39 0.23
CA LEU B 37 -0.36 26.01 -1.08
C LEU B 37 -0.28 27.54 -1.00
N ARG B 38 -0.93 28.12 0.00
CA ARG B 38 -0.89 29.58 0.19
C ARG B 38 0.52 30.07 0.51
N SER B 39 1.17 29.41 1.48
CA SER B 39 2.50 29.80 1.90
C SER B 39 3.49 29.77 0.75
N LYS B 40 3.15 29.00 -0.28
CA LYS B 40 4.01 28.87 -1.43
C LYS B 40 3.66 29.82 -2.57
N GLY B 41 2.59 30.59 -2.42
CA GLY B 41 2.23 31.52 -3.46
C GLY B 41 1.08 31.12 -4.37
N PHE B 42 0.65 29.85 -4.28
CA PHE B 42 -0.44 29.36 -5.11
C PHE B 42 -1.61 28.94 -4.25
N PRO B 43 -2.22 29.90 -3.53
CA PRO B 43 -3.35 29.50 -2.70
C PRO B 43 -4.41 28.86 -3.58
N TYR B 44 -5.03 27.79 -3.05
CA TYR B 44 -6.04 27.07 -3.82
C TYR B 44 -7.04 28.02 -4.48
N SER B 45 -7.51 29.02 -3.75
CA SER B 45 -8.47 29.97 -4.31
C SER B 45 -7.96 30.48 -5.65
N LYS B 46 -6.67 30.81 -5.69
CA LYS B 46 -6.05 31.32 -6.91
C LYS B 46 -6.05 30.27 -8.02
N MET B 47 -5.81 29.02 -7.65
CA MET B 47 -5.81 27.93 -8.60
C MET B 47 -7.22 27.82 -9.20
N ARG B 48 -8.24 27.88 -8.34
CA ARG B 48 -9.62 27.80 -8.80
C ARG B 48 -9.90 28.92 -9.80
N ASP B 49 -9.20 30.04 -9.65
CA ASP B 49 -9.38 31.16 -10.58
C ASP B 49 -8.56 30.92 -11.85
N MET B 50 -7.51 30.12 -11.74
CA MET B 50 -6.68 29.78 -12.89
C MET B 50 -7.40 28.69 -13.70
N GLY B 51 -8.55 28.24 -13.19
CA GLY B 51 -9.31 27.21 -13.87
C GLY B 51 -8.89 25.80 -13.47
N LEU B 52 -8.02 25.72 -12.46
CA LEU B 52 -7.52 24.44 -11.98
C LEU B 52 -8.34 23.95 -10.81
N GLU B 53 -8.56 22.65 -10.76
CA GLU B 53 -9.33 22.05 -9.67
C GLU B 53 -8.51 20.89 -9.13
N VAL B 54 -8.36 20.82 -7.81
CA VAL B 54 -7.62 19.73 -7.20
C VAL B 54 -8.63 18.68 -6.79
N VAL B 55 -8.64 17.56 -7.50
CA VAL B 55 -9.57 16.48 -7.22
C VAL B 55 -8.94 15.41 -6.35
N LEU B 56 -9.67 14.98 -5.33
CA LEU B 56 -9.19 13.93 -4.44
C LEU B 56 -9.46 12.55 -5.03
N LEU B 57 -8.45 11.69 -5.00
CA LEU B 57 -8.58 10.32 -5.52
C LEU B 57 -8.91 9.34 -4.41
N ASN B 58 -8.19 9.47 -3.30
CA ASN B 58 -8.42 8.61 -2.15
C ASN B 58 -7.71 9.23 -0.94
N ALA B 59 -8.11 8.80 0.25
CA ALA B 59 -7.56 9.33 1.49
C ALA B 59 -7.60 8.26 2.56
N TYR B 60 -6.55 8.21 3.37
CA TYR B 60 -6.45 7.24 4.45
C TYR B 60 -6.07 7.95 5.74
N CYS B 61 -6.54 7.41 6.86
CA CYS B 61 -6.18 7.97 8.15
C CYS B 61 -6.13 6.88 9.21
N GLU B 62 -5.03 6.88 9.95
CA GLU B 62 -4.77 5.92 11.02
C GLU B 62 -4.91 6.67 12.32
N TYR B 63 -5.81 6.21 13.18
CA TYR B 63 -6.05 6.87 14.45
C TYR B 63 -5.35 6.16 15.61
N LYS B 64 -4.38 6.85 16.21
CA LYS B 64 -3.60 6.28 17.32
C LYS B 64 -4.10 6.72 18.71
N LYS B 65 -4.28 8.03 18.88
CA LYS B 65 -4.77 8.59 20.13
C LYS B 65 -5.72 9.70 19.75
N PRO B 66 -6.72 9.99 20.59
CA PRO B 66 -7.69 11.04 20.29
C PRO B 66 -7.26 12.48 20.55
N LEU B 67 -8.10 13.40 20.07
CA LEU B 67 -7.91 14.81 20.27
C LEU B 67 -9.13 15.21 21.08
N PHE B 68 -8.94 16.06 22.08
CA PHE B 68 -10.06 16.50 22.91
C PHE B 68 -10.31 17.97 22.68
N TYR B 69 -11.45 18.43 23.14
CA TYR B 69 -11.80 19.82 23.01
C TYR B 69 -10.69 20.71 23.54
N ASP B 70 -10.32 21.71 22.74
CA ASP B 70 -9.31 22.67 23.12
C ASP B 70 -7.88 22.20 23.09
N ASP B 71 -7.66 20.98 22.60
CA ASP B 71 -6.30 20.45 22.50
C ASP B 71 -5.59 21.25 21.41
N VAL B 72 -4.35 21.66 21.70
CA VAL B 72 -3.55 22.36 20.72
C VAL B 72 -2.80 21.25 19.99
N PHE B 73 -2.80 21.27 18.66
CA PHE B 73 -2.09 20.23 17.94
C PHE B 73 -1.50 20.76 16.64
N GLU B 74 -0.64 19.96 16.01
CA GLU B 74 -0.01 20.35 14.76
C GLU B 74 -0.18 19.28 13.71
N VAL B 75 -0.36 19.72 12.48
CA VAL B 75 -0.48 18.80 11.36
C VAL B 75 0.78 19.06 10.55
N HIS B 76 1.62 18.06 10.42
CA HIS B 76 2.84 18.21 9.63
C HIS B 76 2.60 17.51 8.30
N LEU B 77 2.71 18.22 7.18
CA LEU B 77 2.47 17.57 5.90
C LEU B 77 3.69 17.52 5.02
N ASN B 78 3.83 16.43 4.29
CA ASN B 78 4.95 16.21 3.41
C ASN B 78 4.46 15.74 2.08
N LEU B 79 5.31 15.87 1.08
CA LEU B 79 5.00 15.43 -0.28
C LEU B 79 5.60 14.05 -0.43
N GLU B 80 4.74 13.05 -0.63
CA GLU B 80 5.19 11.68 -0.79
C GLU B 80 5.55 11.33 -2.23
N GLU B 81 4.70 11.72 -3.16
CA GLU B 81 4.95 11.42 -4.55
C GLU B 81 4.46 12.51 -5.47
N LEU B 82 5.14 12.65 -6.61
CA LEU B 82 4.79 13.66 -7.58
C LEU B 82 5.04 13.12 -8.99
N SER B 83 3.97 12.74 -9.67
CA SER B 83 4.06 12.23 -11.03
C SER B 83 3.49 13.32 -11.94
N ARG B 84 3.37 13.07 -13.23
CA ARG B 84 2.84 14.11 -14.09
C ARG B 84 1.36 14.36 -13.93
N PHE B 85 0.66 13.39 -13.37
CA PHE B 85 -0.77 13.53 -13.19
C PHE B 85 -1.26 13.55 -11.73
N THR B 86 -0.51 12.92 -10.84
CA THR B 86 -0.93 12.91 -9.45
C THR B 86 0.17 13.32 -8.49
N PHE B 87 -0.23 13.66 -7.28
CA PHE B 87 0.69 14.02 -6.22
C PHE B 87 0.07 13.54 -4.92
N THR B 88 0.89 13.06 -4.01
CA THR B 88 0.38 12.54 -2.76
C THR B 88 1.00 13.23 -1.56
N PHE B 89 0.15 13.56 -0.59
CA PHE B 89 0.58 14.22 0.64
C PHE B 89 0.47 13.23 1.78
N SER B 90 1.42 13.29 2.71
CA SER B 90 1.37 12.44 3.90
C SER B 90 1.19 13.42 5.06
N TYR B 91 0.58 12.98 6.15
CA TYR B 91 0.38 13.86 7.29
C TYR B 91 0.58 13.13 8.60
N ILE B 92 1.03 13.87 9.60
CA ILE B 92 1.20 13.33 10.94
C ILE B 92 0.60 14.36 11.87
N VAL B 93 -0.31 13.92 12.71
CA VAL B 93 -0.95 14.81 13.67
C VAL B 93 -0.22 14.68 14.99
N PHE B 94 0.44 15.77 15.38
CA PHE B 94 1.19 15.83 16.61
C PHE B 94 0.48 16.61 17.71
N LYS B 95 0.55 16.09 18.92
CA LYS B 95 -0.03 16.71 20.10
C LYS B 95 1.07 16.53 21.14
N GLU B 96 1.57 17.63 21.68
CA GLU B 96 2.64 17.58 22.67
C GLU B 96 3.77 16.71 22.14
N ASP B 97 4.11 16.92 20.87
CA ASP B 97 5.16 16.19 20.18
C ASP B 97 4.92 14.68 20.06
N ILE B 98 3.66 14.26 20.21
CA ILE B 98 3.33 12.84 20.10
C ILE B 98 2.47 12.60 18.86
N ALA B 99 2.80 11.57 18.10
CA ALA B 99 2.06 11.23 16.89
C ALA B 99 0.72 10.66 17.30
N VAL B 100 -0.32 11.46 17.11
CA VAL B 100 -1.67 11.08 17.47
C VAL B 100 -2.43 10.43 16.31
N ALA B 101 -1.97 10.69 15.08
CA ALA B 101 -2.61 10.16 13.89
C ALA B 101 -1.73 10.33 12.65
N LYS B 102 -1.81 9.36 11.75
CA LYS B 102 -1.05 9.39 10.51
C LYS B 102 -2.06 9.28 9.38
N ALA B 103 -1.75 9.86 8.22
CA ALA B 103 -2.68 9.83 7.10
C ALA B 103 -2.02 10.19 5.76
N ASN B 104 -2.80 10.04 4.68
CA ASN B 104 -2.35 10.39 3.35
C ASN B 104 -3.54 10.62 2.42
N THR B 105 -3.33 11.43 1.39
CA THR B 105 -4.39 11.75 0.43
C THR B 105 -3.71 11.82 -0.92
N LYS B 106 -4.40 11.37 -1.97
CA LYS B 106 -3.85 11.38 -3.32
C LYS B 106 -4.77 12.25 -4.15
N HIS B 107 -4.16 13.16 -4.92
CA HIS B 107 -4.91 14.12 -5.74
C HIS B 107 -4.48 14.16 -7.19
N CYS B 108 -5.32 14.79 -8.00
CA CYS B 108 -5.00 15.00 -9.41
C CYS B 108 -5.57 16.39 -9.77
N MET B 109 -5.14 16.91 -10.91
CA MET B 109 -5.59 18.23 -11.33
C MET B 109 -6.59 18.13 -12.47
N VAL B 110 -7.65 18.93 -12.38
CA VAL B 110 -8.68 18.94 -13.40
C VAL B 110 -8.97 20.37 -13.86
N LYS B 111 -9.12 20.51 -15.17
CA LYS B 111 -9.41 21.78 -15.81
C LYS B 111 -10.52 21.51 -16.82
N ASN B 112 -11.57 22.33 -16.78
CA ASN B 112 -12.74 22.15 -17.65
C ASN B 112 -13.43 20.92 -17.06
N GLY B 113 -13.28 19.79 -17.73
CA GLY B 113 -13.88 18.58 -17.22
C GLY B 113 -12.88 17.46 -17.40
N LYS B 114 -11.60 17.80 -17.45
CA LYS B 114 -10.58 16.79 -17.67
C LYS B 114 -9.30 16.88 -16.85
N ILE B 115 -8.74 15.70 -16.59
CA ILE B 115 -7.49 15.56 -15.87
C ILE B 115 -6.39 16.03 -16.81
N VAL B 116 -5.70 17.09 -16.43
CA VAL B 116 -4.62 17.60 -17.27
C VAL B 116 -3.31 17.46 -16.54
N SER B 117 -2.22 17.38 -17.28
CA SER B 117 -0.89 17.26 -16.70
C SER B 117 -0.70 18.37 -15.68
N ILE B 118 -0.11 18.05 -14.53
CA ILE B 118 0.11 19.08 -13.52
C ILE B 118 0.96 20.16 -14.13
N PRO B 119 0.39 21.37 -14.30
CA PRO B 119 1.11 22.51 -14.89
C PRO B 119 2.37 22.86 -14.11
N LYS B 120 3.37 23.37 -14.82
CA LYS B 120 4.64 23.76 -14.21
C LYS B 120 4.43 24.73 -13.06
N GLU B 121 3.37 25.52 -13.17
CA GLU B 121 3.02 26.51 -12.17
C GLU B 121 2.76 25.81 -10.82
N VAL B 122 1.86 24.83 -10.81
CA VAL B 122 1.54 24.10 -9.61
C VAL B 122 2.70 23.15 -9.28
N LEU B 123 3.41 22.73 -10.32
CA LEU B 123 4.52 21.80 -10.19
C LEU B 123 5.69 22.30 -9.34
N GLU B 124 6.09 23.54 -9.57
CA GLU B 124 7.20 24.15 -8.81
C GLU B 124 6.84 24.24 -7.34
N VAL B 125 5.63 24.71 -7.06
CA VAL B 125 5.18 24.83 -5.69
C VAL B 125 5.21 23.49 -4.94
N LEU B 126 4.68 22.43 -5.53
CA LEU B 126 4.66 21.13 -4.86
C LEU B 126 6.02 20.56 -4.43
N LYS B 127 6.89 20.24 -5.39
CA LYS B 127 8.20 19.65 -5.07
C LYS B 127 9.05 20.58 -4.21
N PHE C 3 29.83 -36.51 4.90
CA PHE C 3 29.08 -35.43 5.60
C PHE C 3 27.62 -35.43 5.20
N ILE C 4 26.74 -35.28 6.17
CA ILE C 4 25.31 -35.28 5.92
C ILE C 4 24.67 -33.91 6.05
N TYR C 5 24.14 -33.40 4.93
CA TYR C 5 23.47 -32.09 4.91
C TYR C 5 21.99 -32.32 4.65
N ARG C 6 21.15 -31.92 5.59
CA ARG C 6 19.71 -32.11 5.47
C ARG C 6 19.00 -30.91 4.86
N ARG C 7 18.05 -31.18 3.97
CA ARG C 7 17.30 -30.12 3.28
C ARG C 7 15.92 -30.59 2.88
N ARG C 8 15.01 -29.62 2.77
CA ARG C 8 13.65 -29.88 2.31
C ARG C 8 13.48 -29.02 1.06
N VAL C 9 12.79 -29.56 0.05
CA VAL C 9 12.57 -28.83 -1.20
C VAL C 9 11.57 -27.68 -1.07
N GLN C 10 12.01 -26.48 -1.44
CA GLN C 10 11.17 -25.30 -1.42
C GLN C 10 10.39 -25.22 -2.74
N PHE C 11 9.23 -24.57 -2.69
CA PHE C 11 8.38 -24.45 -3.85
C PHE C 11 9.00 -23.75 -5.06
N TYR C 12 9.68 -22.63 -4.82
CA TYR C 12 10.28 -21.91 -5.94
C TYR C 12 11.38 -22.71 -6.65
N GLU C 13 11.84 -23.80 -6.04
CA GLU C 13 12.89 -24.60 -6.65
C GLU C 13 12.39 -25.57 -7.71
N THR C 14 11.07 -25.72 -7.80
CA THR C 14 10.48 -26.61 -8.79
C THR C 14 10.18 -25.83 -10.06
N ASP C 15 9.86 -26.54 -11.14
CA ASP C 15 9.49 -25.90 -12.40
C ASP C 15 8.13 -26.49 -12.76
N ALA C 16 7.60 -26.11 -13.93
CA ALA C 16 6.30 -26.60 -14.38
C ALA C 16 6.22 -28.13 -14.54
N GLN C 17 7.36 -28.80 -14.65
CA GLN C 17 7.35 -30.24 -14.77
C GLN C 17 7.00 -30.87 -13.42
N GLY C 18 6.87 -30.05 -12.39
CA GLY C 18 6.53 -30.56 -11.07
C GLY C 18 7.69 -31.19 -10.33
N ILE C 19 8.91 -30.90 -10.77
CA ILE C 19 10.11 -31.45 -10.14
C ILE C 19 11.11 -30.32 -9.88
N VAL C 20 12.14 -30.62 -9.07
CA VAL C 20 13.16 -29.62 -8.80
C VAL C 20 13.95 -29.44 -10.08
N HIS C 21 14.13 -28.19 -10.50
CA HIS C 21 14.91 -27.93 -11.71
C HIS C 21 16.33 -28.40 -11.50
N HIS C 22 16.83 -29.15 -12.47
CA HIS C 22 18.16 -29.71 -12.39
C HIS C 22 19.28 -28.73 -12.04
N SER C 23 19.11 -27.45 -12.38
CA SER C 23 20.15 -26.48 -12.06
C SER C 23 20.26 -26.19 -10.58
N ASN C 24 19.17 -26.42 -9.85
CA ASN C 24 19.15 -26.13 -8.42
C ASN C 24 19.93 -27.16 -7.62
N TYR C 25 20.18 -28.32 -8.21
CA TYR C 25 20.95 -29.33 -7.50
C TYR C 25 22.33 -28.79 -7.17
N PHE C 26 22.94 -28.11 -8.12
CA PHE C 26 24.27 -27.56 -7.91
C PHE C 26 24.23 -26.54 -6.78
N ARG C 27 23.05 -25.97 -6.55
CA ARG C 27 22.89 -25.01 -5.46
C ARG C 27 22.81 -25.82 -4.16
N TYR C 28 22.11 -26.95 -4.19
CA TYR C 28 22.03 -27.79 -3.00
C TYR C 28 23.44 -28.25 -2.61
N PHE C 29 24.26 -28.60 -3.60
CA PHE C 29 25.62 -29.05 -3.35
C PHE C 29 26.47 -27.94 -2.72
N GLU C 30 26.24 -26.69 -3.13
CA GLU C 30 26.97 -25.56 -2.57
C GLU C 30 26.60 -25.40 -1.10
N GLU C 31 25.32 -25.59 -0.78
CA GLU C 31 24.88 -25.46 0.61
C GLU C 31 25.57 -26.54 1.46
N ALA C 32 25.63 -27.75 0.92
CA ALA C 32 26.27 -28.86 1.63
C ALA C 32 27.74 -28.58 1.88
N ARG C 33 28.43 -28.07 0.87
CA ARG C 33 29.85 -27.73 1.01
C ARG C 33 30.00 -26.68 2.08
N GLY C 34 29.09 -25.72 2.07
CA GLY C 34 29.12 -24.63 3.03
C GLY C 34 29.06 -25.12 4.48
N GLU C 35 28.12 -26.02 4.75
CA GLU C 35 27.97 -26.56 6.08
C GLU C 35 29.10 -27.50 6.45
N PHE C 36 29.67 -28.19 5.46
CA PHE C 36 30.78 -29.09 5.71
C PHE C 36 31.98 -28.28 6.20
N LEU C 37 32.30 -27.19 5.50
CA LEU C 37 33.44 -26.35 5.89
C LEU C 37 33.17 -25.67 7.24
N ARG C 38 31.95 -25.22 7.44
CA ARG C 38 31.61 -24.56 8.69
C ARG C 38 31.80 -25.55 9.85
N SER C 39 31.40 -26.79 9.64
CA SER C 39 31.50 -27.82 10.67
C SER C 39 32.94 -28.11 11.07
N LYS C 40 33.88 -27.71 10.21
CA LYS C 40 35.30 -27.91 10.47
C LYS C 40 35.89 -26.70 11.18
N GLY C 41 35.07 -25.66 11.34
CA GLY C 41 35.53 -24.46 12.01
C GLY C 41 36.12 -23.42 11.08
N PHE C 42 36.13 -23.71 9.79
CA PHE C 42 36.69 -22.79 8.79
C PHE C 42 35.67 -22.62 7.66
N PRO C 43 34.62 -21.80 7.88
CA PRO C 43 33.58 -21.56 6.87
C PRO C 43 34.16 -20.90 5.62
N TYR C 44 33.50 -21.08 4.49
CA TYR C 44 33.96 -20.46 3.26
C TYR C 44 34.03 -18.94 3.43
N SER C 45 33.06 -18.37 4.15
CA SER C 45 33.03 -16.93 4.36
C SER C 45 34.34 -16.48 4.99
N LYS C 46 34.84 -17.27 5.94
CA LYS C 46 36.09 -16.94 6.59
C LYS C 46 37.23 -17.02 5.58
N MET C 47 37.18 -18.01 4.70
CA MET C 47 38.23 -18.16 3.69
C MET C 47 38.30 -16.88 2.85
N ARG C 48 37.15 -16.41 2.39
CA ARG C 48 37.10 -15.20 1.57
C ARG C 48 37.64 -14.01 2.35
N ASP C 49 37.31 -13.96 3.63
CA ASP C 49 37.74 -12.87 4.50
C ASP C 49 39.25 -12.70 4.47
N MET C 50 39.97 -13.81 4.39
CA MET C 50 41.42 -13.76 4.36
C MET C 50 41.99 -13.88 2.95
N GLY C 51 41.29 -13.30 1.97
CA GLY C 51 41.78 -13.32 0.61
C GLY C 51 41.75 -14.65 -0.14
N LEU C 52 41.08 -15.65 0.40
CA LEU C 52 41.01 -16.93 -0.28
C LEU C 52 39.72 -17.01 -1.09
N GLU C 53 39.81 -17.60 -2.27
CA GLU C 53 38.66 -17.74 -3.13
C GLU C 53 38.64 -19.16 -3.66
N VAL C 54 37.47 -19.80 -3.61
CA VAL C 54 37.33 -21.17 -4.10
C VAL C 54 36.72 -21.04 -5.49
N VAL C 55 37.44 -21.54 -6.48
CA VAL C 55 37.00 -21.48 -7.87
C VAL C 55 36.60 -22.86 -8.33
N LEU C 56 35.47 -22.94 -9.03
CA LEU C 56 34.99 -24.21 -9.55
C LEU C 56 35.58 -24.47 -10.92
N LEU C 57 36.15 -25.66 -11.09
CA LEU C 57 36.75 -26.06 -12.36
C LEU C 57 35.74 -26.78 -13.25
N ASN C 58 34.96 -27.67 -12.64
CA ASN C 58 33.95 -28.43 -13.38
C ASN C 58 32.94 -29.05 -12.42
N ALA C 59 31.75 -29.31 -12.95
CA ALA C 59 30.67 -29.89 -12.19
C ALA C 59 29.87 -30.86 -13.04
N TYR C 60 29.43 -31.94 -12.41
CA TYR C 60 28.67 -32.97 -13.10
C TYR C 60 27.59 -33.52 -12.17
N CYS C 61 26.47 -33.92 -12.74
CA CYS C 61 25.40 -34.48 -11.95
C CYS C 61 24.55 -35.40 -12.81
N GLU C 62 24.22 -36.57 -12.27
CA GLU C 62 23.35 -37.49 -12.99
C GLU C 62 22.07 -37.57 -12.17
N TYR C 63 20.94 -37.53 -12.87
CA TYR C 63 19.65 -37.53 -12.21
C TYR C 63 18.91 -38.85 -12.41
N LYS C 64 18.60 -39.53 -11.31
CA LYS C 64 17.91 -40.81 -11.34
C LYS C 64 16.40 -40.65 -11.11
N LYS C 65 16.06 -40.10 -9.95
CA LYS C 65 14.67 -39.87 -9.60
C LYS C 65 14.49 -38.40 -9.31
N PRO C 66 13.31 -37.85 -9.62
CA PRO C 66 13.12 -36.43 -9.35
C PRO C 66 12.87 -36.12 -7.88
N LEU C 67 12.86 -34.83 -7.56
CA LEU C 67 12.57 -34.34 -6.22
C LEU C 67 11.30 -33.51 -6.39
N PHE C 68 10.38 -33.61 -5.45
CA PHE C 68 9.13 -32.87 -5.52
C PHE C 68 9.10 -31.82 -4.43
N TYR C 69 8.18 -30.85 -4.54
CA TYR C 69 8.08 -29.82 -3.53
C TYR C 69 7.81 -30.48 -2.18
N ASP C 70 8.45 -29.94 -1.14
CA ASP C 70 8.30 -30.41 0.23
C ASP C 70 8.94 -31.76 0.49
N ASP C 71 9.75 -32.24 -0.44
CA ASP C 71 10.46 -33.50 -0.24
C ASP C 71 11.61 -33.27 0.73
N VAL C 72 11.70 -34.11 1.75
CA VAL C 72 12.78 -34.03 2.71
C VAL C 72 13.89 -34.88 2.07
N PHE C 73 15.10 -34.33 1.97
CA PHE C 73 16.19 -35.11 1.39
C PHE C 73 17.55 -34.85 2.03
N GLU C 74 18.52 -35.69 1.70
CA GLU C 74 19.86 -35.57 2.25
C GLU C 74 20.92 -35.57 1.17
N VAL C 75 21.96 -34.78 1.40
CA VAL C 75 23.09 -34.71 0.49
C VAL C 75 24.30 -35.20 1.27
N HIS C 76 24.77 -36.38 0.91
CA HIS C 76 25.94 -36.93 1.54
C HIS C 76 27.12 -36.49 0.70
N LEU C 77 28.01 -35.72 1.33
CA LEU C 77 29.19 -35.18 0.66
C LEU C 77 30.42 -36.00 1.03
N ASN C 78 31.44 -35.94 0.20
CA ASN C 78 32.63 -36.71 0.47
C ASN C 78 33.81 -36.21 -0.33
N LEU C 79 34.94 -35.97 0.33
CA LEU C 79 36.13 -35.53 -0.40
C LEU C 79 36.49 -36.72 -1.26
N GLU C 80 36.50 -36.51 -2.57
CA GLU C 80 36.80 -37.59 -3.49
C GLU C 80 38.29 -37.67 -3.85
N GLU C 81 38.85 -36.57 -4.35
CA GLU C 81 40.25 -36.54 -4.74
C GLU C 81 40.97 -35.29 -4.27
N LEU C 82 42.29 -35.34 -4.34
CA LEU C 82 43.13 -34.22 -3.93
C LEU C 82 44.37 -34.14 -4.80
N SER C 83 44.76 -32.93 -5.13
CA SER C 83 45.95 -32.67 -5.93
C SER C 83 46.64 -31.55 -5.17
N ARG C 84 47.78 -31.09 -5.68
CA ARG C 84 48.49 -30.03 -5.00
C ARG C 84 47.68 -28.73 -5.19
N PHE C 85 46.93 -28.67 -6.28
CA PHE C 85 46.15 -27.48 -6.60
C PHE C 85 44.62 -27.66 -6.67
N THR C 86 44.15 -28.90 -6.63
CA THR C 86 42.72 -29.13 -6.73
C THR C 86 42.20 -30.13 -5.73
N PHE C 87 40.88 -30.14 -5.55
CA PHE C 87 40.22 -31.07 -4.66
C PHE C 87 38.83 -31.31 -5.22
N THR C 88 38.39 -32.57 -5.17
CA THR C 88 37.11 -32.95 -5.70
C THR C 88 36.15 -33.46 -4.64
N PHE C 89 34.89 -33.07 -4.78
CA PHE C 89 33.83 -33.49 -3.88
C PHE C 89 32.85 -34.35 -4.64
N SER C 90 32.43 -35.45 -4.03
CA SER C 90 31.45 -36.34 -4.64
C SER C 90 30.20 -36.11 -3.81
N TYR C 91 29.03 -36.30 -4.40
CA TYR C 91 27.78 -36.10 -3.68
C TYR C 91 26.76 -37.15 -4.06
N ILE C 92 25.97 -37.58 -3.09
CA ILE C 92 24.89 -38.52 -3.35
C ILE C 92 23.63 -37.92 -2.72
N VAL C 93 22.57 -37.79 -3.51
CA VAL C 93 21.32 -37.22 -3.04
C VAL C 93 20.36 -38.34 -2.67
N PHE C 94 20.08 -38.45 -1.38
CA PHE C 94 19.19 -39.49 -0.89
C PHE C 94 17.82 -38.97 -0.50
N LYS C 95 16.79 -39.65 -0.98
CA LYS C 95 15.42 -39.31 -0.64
C LYS C 95 14.84 -40.61 -0.15
N GLU C 96 14.55 -40.69 1.14
CA GLU C 96 13.99 -41.90 1.73
C GLU C 96 14.96 -43.08 1.55
N ASP C 97 16.25 -42.81 1.74
CA ASP C 97 17.30 -43.82 1.61
C ASP C 97 17.53 -44.32 0.19
N ILE C 98 16.97 -43.63 -0.80
CA ILE C 98 17.15 -44.01 -2.19
C ILE C 98 17.99 -42.96 -2.92
N ALA C 99 19.04 -43.39 -3.60
CA ALA C 99 19.90 -42.48 -4.35
C ALA C 99 19.03 -41.90 -5.46
N VAL C 100 18.77 -40.61 -5.36
CA VAL C 100 17.93 -39.93 -6.31
C VAL C 100 18.81 -39.24 -7.38
N ALA C 101 20.06 -39.01 -7.04
CA ALA C 101 21.01 -38.36 -7.95
C ALA C 101 22.45 -38.46 -7.42
N LYS C 102 23.41 -38.41 -8.33
CA LYS C 102 24.80 -38.50 -7.95
C LYS C 102 25.55 -37.42 -8.71
N ALA C 103 26.57 -36.85 -8.09
CA ALA C 103 27.33 -35.79 -8.73
C ALA C 103 28.70 -35.58 -8.10
N ASN C 104 29.48 -34.67 -8.69
CA ASN C 104 30.79 -34.31 -8.20
C ASN C 104 31.17 -32.92 -8.71
N THR C 105 32.09 -32.28 -8.01
CA THR C 105 32.57 -30.95 -8.37
C THR C 105 34.06 -30.89 -8.04
N LYS C 106 34.83 -30.26 -8.91
CA LYS C 106 36.26 -30.11 -8.74
C LYS C 106 36.54 -28.62 -8.56
N HIS C 107 37.42 -28.28 -7.63
CA HIS C 107 37.75 -26.88 -7.35
C HIS C 107 39.25 -26.65 -7.19
N CYS C 108 39.62 -25.38 -7.10
CA CYS C 108 41.00 -24.97 -6.88
C CYS C 108 40.93 -23.66 -6.07
N MET C 109 42.03 -23.29 -5.43
CA MET C 109 42.06 -22.06 -4.63
C MET C 109 42.77 -20.94 -5.40
N VAL C 110 42.22 -19.73 -5.29
CA VAL C 110 42.80 -18.58 -5.96
C VAL C 110 43.01 -17.46 -4.96
N LYS C 111 44.14 -16.77 -5.08
CA LYS C 111 44.45 -15.68 -4.18
C LYS C 111 44.96 -14.48 -4.96
N ASN C 112 44.32 -13.34 -4.75
CA ASN C 112 44.70 -12.11 -5.44
C ASN C 112 44.72 -12.36 -6.95
N GLY C 113 43.82 -13.23 -7.41
CA GLY C 113 43.74 -13.54 -8.82
C GLY C 113 44.69 -14.65 -9.25
N LYS C 114 45.55 -15.09 -8.36
CA LYS C 114 46.49 -16.15 -8.71
C LYS C 114 46.14 -17.48 -8.11
N ILE C 115 46.31 -18.55 -8.88
CA ILE C 115 46.02 -19.88 -8.38
C ILE C 115 47.17 -20.35 -7.50
N VAL C 116 46.86 -20.65 -6.24
CA VAL C 116 47.86 -21.11 -5.29
C VAL C 116 47.71 -22.58 -4.95
N SER C 117 48.75 -23.17 -4.36
CA SER C 117 48.70 -24.57 -3.96
C SER C 117 47.76 -24.59 -2.75
N ILE C 118 46.92 -25.62 -2.64
CA ILE C 118 45.99 -25.70 -1.52
C ILE C 118 46.73 -25.48 -0.20
N PRO C 119 46.42 -24.38 0.49
CA PRO C 119 47.02 -24.02 1.78
C PRO C 119 46.83 -25.08 2.85
N LYS C 120 47.77 -25.13 3.80
CA LYS C 120 47.74 -26.09 4.90
C LYS C 120 46.46 -25.96 5.71
N GLU C 121 46.11 -24.73 6.04
CA GLU C 121 44.91 -24.46 6.82
C GLU C 121 43.67 -25.05 6.15
N VAL C 122 43.66 -25.07 4.82
CA VAL C 122 42.54 -25.60 4.06
C VAL C 122 42.61 -27.13 3.97
N LEU C 123 43.77 -27.67 3.60
CA LEU C 123 43.92 -29.12 3.50
C LEU C 123 43.55 -29.79 4.82
N GLU C 124 43.74 -29.08 5.93
CA GLU C 124 43.43 -29.62 7.26
C GLU C 124 41.92 -29.79 7.50
N VAL C 125 41.10 -28.89 6.96
CA VAL C 125 39.65 -28.98 7.14
C VAL C 125 39.01 -29.85 6.07
N LEU C 126 39.72 -30.09 4.97
CA LEU C 126 39.23 -30.92 3.88
C LEU C 126 39.35 -32.39 4.24
N LYS C 127 40.47 -32.77 4.85
CA LYS C 127 40.66 -34.16 5.23
C LYS C 127 39.92 -34.53 6.50
N PRO D 2 7.00 5.72 -23.23
CA PRO D 2 7.00 4.43 -22.49
C PRO D 2 7.91 3.42 -23.18
N PHE D 3 8.89 2.92 -22.44
CA PHE D 3 9.83 1.94 -22.96
C PHE D 3 9.23 0.54 -22.93
N ILE D 4 9.30 -0.14 -24.06
CA ILE D 4 8.78 -1.51 -24.16
C ILE D 4 9.91 -2.53 -24.20
N TYR D 5 9.78 -3.57 -23.39
CA TYR D 5 10.78 -4.63 -23.30
C TYR D 5 10.12 -5.95 -23.72
N ARG D 6 10.64 -6.55 -24.79
CA ARG D 6 10.09 -7.81 -25.30
C ARG D 6 10.80 -8.96 -24.63
N ARG D 7 10.04 -9.95 -24.18
CA ARG D 7 10.61 -11.08 -23.46
C ARG D 7 9.75 -12.35 -23.53
N ARG D 8 10.42 -13.50 -23.48
CA ARG D 8 9.78 -14.81 -23.52
C ARG D 8 10.09 -15.55 -22.21
N VAL D 9 9.09 -16.17 -21.59
CA VAL D 9 9.32 -16.89 -20.36
C VAL D 9 10.03 -18.23 -20.58
N GLN D 10 11.11 -18.42 -19.83
CA GLN D 10 11.91 -19.62 -19.91
C GLN D 10 11.39 -20.67 -18.94
N PHE D 11 11.57 -21.94 -19.31
CA PHE D 11 11.09 -23.05 -18.50
C PHE D 11 11.50 -22.99 -17.03
N TYR D 12 12.77 -22.70 -16.76
CA TYR D 12 13.26 -22.65 -15.38
C TYR D 12 12.64 -21.52 -14.55
N GLU D 13 11.93 -20.61 -15.22
CA GLU D 13 11.31 -19.49 -14.52
C GLU D 13 9.92 -19.81 -14.02
N THR D 14 9.45 -21.01 -14.33
CA THR D 14 8.13 -21.47 -13.89
C THR D 14 8.28 -22.35 -12.65
N ASP D 15 7.19 -22.59 -11.93
CA ASP D 15 7.23 -23.46 -10.75
C ASP D 15 6.22 -24.60 -10.89
N ALA D 16 6.12 -25.46 -9.87
CA ALA D 16 5.21 -26.59 -9.95
C ALA D 16 3.75 -26.19 -10.14
N GLN D 17 3.45 -24.92 -9.94
CA GLN D 17 2.09 -24.44 -10.13
C GLN D 17 1.85 -24.23 -11.63
N GLY D 18 2.91 -24.40 -12.42
CA GLY D 18 2.82 -24.25 -13.87
C GLY D 18 2.87 -22.80 -14.33
N ILE D 19 3.26 -21.89 -13.45
CA ILE D 19 3.32 -20.49 -13.80
C ILE D 19 4.67 -19.86 -13.49
N VAL D 20 4.87 -18.64 -13.96
CA VAL D 20 6.11 -17.94 -13.67
C VAL D 20 6.05 -17.58 -12.19
N HIS D 21 7.06 -18.00 -11.44
CA HIS D 21 7.11 -17.68 -10.02
C HIS D 21 7.08 -16.16 -9.85
N HIS D 22 6.29 -15.67 -8.90
CA HIS D 22 6.16 -14.23 -8.69
C HIS D 22 7.48 -13.51 -8.45
N SER D 23 8.44 -14.21 -7.85
CA SER D 23 9.73 -13.61 -7.57
C SER D 23 10.48 -13.23 -8.85
N ASN D 24 10.19 -13.95 -9.94
CA ASN D 24 10.86 -13.68 -11.20
C ASN D 24 10.41 -12.41 -11.92
N TYR D 25 9.24 -11.90 -11.59
CA TYR D 25 8.76 -10.68 -12.23
C TYR D 25 9.71 -9.53 -11.92
N PHE D 26 10.28 -9.56 -10.73
CA PHE D 26 11.22 -8.51 -10.32
C PHE D 26 12.54 -8.64 -11.08
N ARG D 27 12.78 -9.82 -11.65
CA ARG D 27 13.99 -10.01 -12.43
C ARG D 27 13.63 -9.49 -13.82
N TYR D 28 12.40 -9.72 -14.25
CA TYR D 28 11.94 -9.22 -15.54
C TYR D 28 11.98 -7.68 -15.49
N PHE D 29 11.65 -7.10 -14.35
CA PHE D 29 11.65 -5.64 -14.21
C PHE D 29 13.08 -5.09 -14.23
N GLU D 30 14.02 -5.88 -13.72
CA GLU D 30 15.42 -5.46 -13.72
C GLU D 30 15.94 -5.47 -15.15
N GLU D 31 15.52 -6.49 -15.92
CA GLU D 31 15.93 -6.58 -17.31
C GLU D 31 15.38 -5.38 -18.10
N ALA D 32 14.13 -5.01 -17.83
CA ALA D 32 13.50 -3.87 -18.48
C ALA D 32 14.23 -2.54 -18.19
N ARG D 33 14.52 -2.30 -16.92
CA ARG D 33 15.22 -1.07 -16.54
C ARG D 33 16.59 -1.04 -17.20
N GLY D 34 17.24 -2.20 -17.27
CA GLY D 34 18.57 -2.30 -17.87
C GLY D 34 18.62 -1.89 -19.34
N GLU D 35 17.67 -2.38 -20.13
CA GLU D 35 17.64 -2.02 -21.54
C GLU D 35 17.16 -0.59 -21.71
N PHE D 36 16.40 -0.11 -20.73
CA PHE D 36 15.91 1.26 -20.75
C PHE D 36 17.10 2.19 -20.65
N LEU D 37 17.90 1.99 -19.60
CA LEU D 37 19.09 2.81 -19.38
C LEU D 37 20.05 2.70 -20.56
N ARG D 38 20.14 1.50 -21.13
CA ARG D 38 21.04 1.27 -22.27
C ARG D 38 20.57 2.08 -23.47
N SER D 39 19.28 2.02 -23.76
CA SER D 39 18.71 2.76 -24.89
C SER D 39 18.92 4.26 -24.71
N LYS D 40 18.82 4.73 -23.47
CA LYS D 40 18.99 6.15 -23.19
C LYS D 40 20.44 6.59 -23.28
N GLY D 41 21.36 5.63 -23.35
CA GLY D 41 22.77 5.98 -23.47
C GLY D 41 23.65 5.87 -22.24
N PHE D 42 23.10 5.50 -21.09
CA PHE D 42 23.93 5.37 -19.89
C PHE D 42 23.57 4.10 -19.11
N PRO D 43 24.13 2.96 -19.53
CA PRO D 43 23.91 1.63 -18.92
C PRO D 43 24.22 1.59 -17.42
N TYR D 44 23.64 0.63 -16.72
CA TYR D 44 23.91 0.49 -15.30
C TYR D 44 25.40 0.15 -15.16
N SER D 45 25.90 -0.65 -16.11
CA SER D 45 27.31 -1.04 -16.10
C SER D 45 28.20 0.20 -15.99
N LYS D 46 27.83 1.25 -16.73
CA LYS D 46 28.59 2.49 -16.71
C LYS D 46 28.44 3.19 -15.38
N MET D 47 27.24 3.14 -14.83
CA MET D 47 26.98 3.76 -13.54
C MET D 47 27.88 3.15 -12.47
N ARG D 48 27.90 1.81 -12.41
CA ARG D 48 28.74 1.12 -11.44
C ARG D 48 30.20 1.32 -11.80
N ASP D 49 30.47 1.36 -13.10
CA ASP D 49 31.80 1.54 -13.65
C ASP D 49 32.47 2.79 -13.05
N MET D 50 31.66 3.75 -12.62
CA MET D 50 32.19 4.97 -12.02
C MET D 50 31.99 5.04 -10.52
N GLY D 51 31.80 3.89 -9.89
CA GLY D 51 31.61 3.86 -8.45
C GLY D 51 30.19 4.14 -8.00
N LEU D 52 29.28 4.36 -8.96
CA LEU D 52 27.89 4.63 -8.63
C LEU D 52 27.10 3.33 -8.45
N GLU D 53 26.27 3.30 -7.41
CA GLU D 53 25.47 2.13 -7.14
C GLU D 53 24.01 2.52 -7.03
N VAL D 54 23.15 1.79 -7.73
CA VAL D 54 21.72 2.03 -7.70
C VAL D 54 21.09 1.13 -6.64
N VAL D 55 20.64 1.72 -5.55
CA VAL D 55 20.04 0.94 -4.48
C VAL D 55 18.52 0.95 -4.59
N LEU D 56 17.92 -0.22 -4.45
CA LEU D 56 16.48 -0.34 -4.51
C LEU D 56 15.89 0.02 -3.15
N LEU D 57 14.89 0.90 -3.13
CA LEU D 57 14.26 1.33 -1.88
C LEU D 57 13.06 0.44 -1.53
N ASN D 58 12.19 0.21 -2.50
CA ASN D 58 11.03 -0.66 -2.32
C ASN D 58 10.52 -1.11 -3.69
N ALA D 59 9.75 -2.18 -3.70
CA ALA D 59 9.20 -2.73 -4.93
C ALA D 59 7.82 -3.32 -4.68
N TYR D 60 6.97 -3.26 -5.69
CA TYR D 60 5.60 -3.76 -5.59
C TYR D 60 5.18 -4.41 -6.89
N CYS D 61 4.36 -5.44 -6.79
CA CYS D 61 3.85 -6.10 -7.98
C CYS D 61 2.46 -6.63 -7.71
N GLU D 62 1.61 -6.45 -8.72
CA GLU D 62 0.23 -6.88 -8.66
C GLU D 62 0.09 -7.96 -9.72
N TYR D 63 -0.47 -9.11 -9.31
CA TYR D 63 -0.63 -10.23 -10.21
C TYR D 63 -2.10 -10.44 -10.59
N LYS D 64 -2.40 -10.19 -11.86
CA LYS D 64 -3.77 -10.32 -12.36
C LYS D 64 -4.05 -11.65 -13.07
N LYS D 65 -3.10 -12.08 -13.91
CA LYS D 65 -3.23 -13.34 -14.65
C LYS D 65 -1.83 -13.95 -14.75
N PRO D 66 -1.74 -15.28 -14.69
CA PRO D 66 -0.45 -15.99 -14.76
C PRO D 66 0.29 -15.94 -16.09
N LEU D 67 1.59 -16.23 -16.02
CA LEU D 67 2.48 -16.31 -17.18
C LEU D 67 2.91 -17.77 -17.28
N PHE D 68 2.89 -18.32 -18.48
CA PHE D 68 3.25 -19.72 -18.68
C PHE D 68 4.52 -19.90 -19.48
N TYR D 69 5.11 -21.08 -19.35
CA TYR D 69 6.33 -21.39 -20.07
C TYR D 69 6.15 -21.09 -21.55
N ASP D 70 7.16 -20.45 -22.13
CA ASP D 70 7.20 -20.07 -23.53
C ASP D 70 6.29 -18.92 -23.94
N ASP D 71 5.58 -18.32 -22.97
CA ASP D 71 4.72 -17.19 -23.28
C ASP D 71 5.61 -16.02 -23.69
N VAL D 72 5.18 -15.31 -24.72
CA VAL D 72 5.89 -14.14 -25.20
C VAL D 72 5.16 -12.97 -24.57
N PHE D 73 5.87 -12.14 -23.82
CA PHE D 73 5.22 -11.01 -23.19
C PHE D 73 6.07 -9.75 -23.31
N GLU D 74 5.47 -8.60 -22.98
CA GLU D 74 6.21 -7.37 -23.03
C GLU D 74 6.06 -6.58 -21.74
N VAL D 75 7.13 -5.91 -21.37
CA VAL D 75 7.18 -5.12 -20.14
C VAL D 75 7.23 -3.66 -20.52
N HIS D 76 6.18 -2.92 -20.20
CA HIS D 76 6.15 -1.49 -20.51
C HIS D 76 6.60 -0.71 -19.29
N LEU D 77 7.75 -0.06 -19.42
CA LEU D 77 8.32 0.72 -18.33
C LEU D 77 8.04 2.20 -18.51
N ASN D 78 7.81 2.88 -17.41
CA ASN D 78 7.53 4.31 -17.43
C ASN D 78 8.15 4.97 -16.21
N LEU D 79 8.83 6.09 -16.42
CA LEU D 79 9.45 6.81 -15.31
C LEU D 79 8.40 7.69 -14.63
N GLU D 80 7.81 7.18 -13.56
CA GLU D 80 6.80 7.91 -12.80
C GLU D 80 7.29 9.18 -12.12
N GLU D 81 8.41 9.08 -11.41
CA GLU D 81 8.94 10.25 -10.72
C GLU D 81 10.44 10.30 -10.64
N LEU D 82 10.96 11.52 -10.76
CA LEU D 82 12.38 11.77 -10.67
C LEU D 82 12.58 12.86 -9.62
N SER D 83 12.93 12.44 -8.40
CA SER D 83 13.18 13.37 -7.30
C SER D 83 14.64 13.81 -7.29
N ARG D 84 15.01 14.55 -6.26
CA ARG D 84 16.38 15.01 -6.11
C ARG D 84 17.28 13.80 -5.82
N PHE D 85 16.78 12.89 -5.00
CA PHE D 85 17.54 11.70 -4.60
C PHE D 85 16.99 10.36 -5.08
N THR D 86 15.80 10.34 -5.66
CA THR D 86 15.23 9.07 -6.08
C THR D 86 14.45 9.12 -7.39
N PHE D 87 14.19 7.94 -7.95
CA PHE D 87 13.40 7.83 -9.16
C PHE D 87 12.50 6.61 -9.04
N THR D 88 11.28 6.73 -9.58
CA THR D 88 10.31 5.64 -9.54
C THR D 88 9.91 5.20 -10.95
N PHE D 89 9.84 3.88 -11.14
CA PHE D 89 9.47 3.28 -12.42
C PHE D 89 8.20 2.51 -12.20
N SER D 90 7.30 2.55 -13.17
CA SER D 90 6.06 1.80 -13.10
C SER D 90 6.19 0.76 -14.22
N TYR D 91 5.58 -0.40 -14.03
CA TYR D 91 5.65 -1.44 -15.03
C TYR D 91 4.29 -2.06 -15.28
N ILE D 92 4.02 -2.35 -16.53
CA ILE D 92 2.78 -3.03 -16.90
C ILE D 92 3.28 -4.20 -17.75
N VAL D 93 2.82 -5.40 -17.41
CA VAL D 93 3.21 -6.59 -18.12
C VAL D 93 2.05 -7.01 -18.99
N PHE D 94 2.27 -7.01 -20.30
CA PHE D 94 1.25 -7.37 -21.26
C PHE D 94 1.53 -8.72 -21.91
N LYS D 95 0.46 -9.48 -22.12
CA LYS D 95 0.53 -10.76 -22.79
C LYS D 95 -0.69 -10.75 -23.70
N GLU D 96 -0.46 -10.79 -25.01
CA GLU D 96 -1.55 -10.74 -25.98
C GLU D 96 -2.21 -9.40 -25.82
N ASP D 97 -1.45 -8.42 -25.37
CA ASP D 97 -1.92 -7.06 -25.14
C ASP D 97 -2.91 -6.92 -23.98
N ILE D 98 -2.90 -7.86 -23.04
CA ILE D 98 -3.75 -7.76 -21.87
C ILE D 98 -2.87 -7.66 -20.63
N ALA D 99 -3.17 -6.67 -19.80
CA ALA D 99 -2.41 -6.44 -18.58
C ALA D 99 -2.42 -7.69 -17.71
N VAL D 100 -1.28 -8.38 -17.62
CA VAL D 100 -1.18 -9.59 -16.80
C VAL D 100 -0.77 -9.21 -15.38
N ALA D 101 -0.05 -8.09 -15.27
CA ALA D 101 0.40 -7.61 -13.97
C ALA D 101 0.86 -6.16 -14.03
N LYS D 102 0.88 -5.49 -12.88
CA LYS D 102 1.30 -4.10 -12.78
C LYS D 102 2.28 -4.00 -11.61
N ALA D 103 3.30 -3.15 -11.74
CA ALA D 103 4.31 -3.03 -10.70
C ALA D 103 4.94 -1.66 -10.56
N ASN D 104 5.74 -1.51 -9.51
CA ASN D 104 6.43 -0.27 -9.21
C ASN D 104 7.70 -0.50 -8.40
N THR D 105 8.74 0.27 -8.68
CA THR D 105 9.99 0.19 -7.94
C THR D 105 10.53 1.60 -7.71
N LYS D 106 11.14 1.81 -6.55
CA LYS D 106 11.71 3.11 -6.21
C LYS D 106 13.17 2.92 -5.88
N HIS D 107 14.02 3.75 -6.48
CA HIS D 107 15.45 3.65 -6.28
C HIS D 107 16.09 4.95 -5.85
N CYS D 108 17.29 4.84 -5.29
CA CYS D 108 18.06 5.99 -4.89
C CYS D 108 19.46 5.64 -5.39
N MET D 109 20.46 6.46 -5.10
CA MET D 109 21.80 6.16 -5.57
C MET D 109 22.84 6.39 -4.49
N VAL D 110 23.85 5.53 -4.46
CA VAL D 110 24.89 5.61 -3.46
C VAL D 110 26.31 5.63 -4.00
N LYS D 111 27.10 6.56 -3.50
CA LYS D 111 28.49 6.70 -3.88
C LYS D 111 29.25 6.82 -2.56
N ASN D 112 30.40 6.17 -2.47
CA ASN D 112 31.18 6.20 -1.25
C ASN D 112 30.31 5.85 -0.05
N GLY D 113 29.63 4.71 -0.11
CA GLY D 113 28.78 4.27 0.98
C GLY D 113 27.79 5.29 1.52
N LYS D 114 27.31 6.19 0.65
CA LYS D 114 26.37 7.22 1.07
C LYS D 114 25.44 7.68 -0.05
N ILE D 115 24.23 8.10 0.32
CA ILE D 115 23.26 8.57 -0.65
C ILE D 115 23.70 9.92 -1.22
N VAL D 116 23.53 10.08 -2.53
CA VAL D 116 23.92 11.31 -3.20
C VAL D 116 22.78 11.72 -4.14
N SER D 117 22.69 13.00 -4.43
CA SER D 117 21.67 13.47 -5.35
C SER D 117 21.93 12.79 -6.69
N ILE D 118 20.88 12.49 -7.44
CA ILE D 118 21.03 11.85 -8.74
C ILE D 118 21.94 12.72 -9.61
N PRO D 119 23.07 12.15 -10.06
CA PRO D 119 24.04 12.87 -10.89
C PRO D 119 23.41 13.52 -12.10
N LYS D 120 23.98 14.65 -12.50
CA LYS D 120 23.50 15.39 -13.65
C LYS D 120 23.54 14.52 -14.90
N GLU D 121 24.60 13.74 -15.04
CA GLU D 121 24.76 12.85 -16.19
C GLU D 121 23.65 11.81 -16.28
N VAL D 122 23.18 11.35 -15.13
CA VAL D 122 22.12 10.35 -15.06
C VAL D 122 20.76 11.02 -15.13
N LEU D 123 20.69 12.26 -14.66
CA LEU D 123 19.46 13.03 -14.69
C LEU D 123 19.02 13.15 -16.15
N GLU D 124 20.00 13.25 -17.05
CA GLU D 124 19.74 13.37 -18.48
C GLU D 124 19.32 12.02 -19.04
N VAL D 125 19.97 10.96 -18.57
CA VAL D 125 19.65 9.61 -19.02
C VAL D 125 18.18 9.30 -18.76
N LEU D 126 17.79 9.38 -17.49
CA LEU D 126 16.42 9.11 -17.07
C LEU D 126 15.42 10.06 -17.73
N PRO E 2 26.62 -25.86 -36.50
CA PRO E 2 26.34 -25.61 -35.05
C PRO E 2 25.31 -24.49 -34.90
N PHE E 3 24.46 -24.60 -33.87
CA PHE E 3 23.43 -23.59 -33.62
C PHE E 3 23.93 -22.55 -32.63
N ILE E 4 23.80 -21.29 -33.03
CA ILE E 4 24.25 -20.20 -32.19
C ILE E 4 23.12 -19.56 -31.42
N TYR E 5 23.33 -19.41 -30.11
CA TYR E 5 22.36 -18.79 -29.25
C TYR E 5 23.04 -17.55 -28.67
N ARG E 6 22.46 -16.38 -28.94
CA ARG E 6 23.03 -15.14 -28.47
C ARG E 6 22.34 -14.73 -27.16
N ARG E 7 23.13 -14.22 -26.22
CA ARG E 7 22.61 -13.83 -24.91
C ARG E 7 23.53 -12.84 -24.19
N ARG E 8 22.97 -12.08 -23.25
CA ARG E 8 23.71 -11.12 -22.44
C ARG E 8 23.47 -11.40 -20.96
N VAL E 9 24.55 -11.33 -20.17
CA VAL E 9 24.50 -11.56 -18.73
C VAL E 9 23.64 -10.56 -17.95
N GLN E 10 22.69 -11.05 -17.15
CA GLN E 10 21.84 -10.18 -16.35
C GLN E 10 22.46 -10.00 -14.96
N PHE E 11 22.14 -8.89 -14.29
CA PHE E 11 22.72 -8.63 -12.99
C PHE E 11 22.41 -9.69 -11.93
N TYR E 12 21.16 -10.11 -11.85
CA TYR E 12 20.76 -11.11 -10.86
C TYR E 12 21.39 -12.49 -11.08
N GLU E 13 22.03 -12.69 -12.23
CA GLU E 13 22.65 -13.98 -12.55
C GLU E 13 24.08 -14.10 -12.01
N THR E 14 24.57 -13.02 -11.41
CA THR E 14 25.90 -13.02 -10.83
C THR E 14 25.77 -13.24 -9.34
N ASP E 15 26.90 -13.39 -8.66
CA ASP E 15 26.90 -13.57 -7.21
C ASP E 15 28.00 -12.69 -6.61
N ALA E 16 28.18 -12.76 -5.30
CA ALA E 16 29.20 -11.94 -4.62
C ALA E 16 30.60 -12.02 -5.20
N GLN E 17 30.96 -13.14 -5.84
CA GLN E 17 32.29 -13.24 -6.41
C GLN E 17 32.47 -12.32 -7.62
N GLY E 18 31.38 -11.72 -8.06
CA GLY E 18 31.42 -10.82 -9.20
C GLY E 18 31.27 -11.53 -10.54
N ILE E 19 30.92 -12.81 -10.49
CA ILE E 19 30.77 -13.61 -11.70
C ILE E 19 29.42 -14.32 -11.78
N VAL E 20 29.08 -14.82 -12.96
CA VAL E 20 27.85 -15.54 -13.15
C VAL E 20 27.97 -16.84 -12.35
N HIS E 21 26.99 -17.11 -11.51
CA HIS E 21 27.01 -18.32 -10.71
C HIS E 21 27.04 -19.53 -11.62
N HIS E 22 27.88 -20.50 -11.27
CA HIS E 22 28.05 -21.69 -12.10
C HIS E 22 26.75 -22.42 -12.43
N SER E 23 25.76 -22.36 -11.54
CA SER E 23 24.50 -23.05 -11.79
C SER E 23 23.69 -22.45 -12.95
N ASN E 24 23.87 -21.15 -13.18
CA ASN E 24 23.12 -20.49 -14.25
C ASN E 24 23.53 -20.90 -15.65
N TYR E 25 24.71 -21.49 -15.79
CA TYR E 25 25.15 -21.94 -17.11
C TYR E 25 24.17 -22.99 -17.60
N PHE E 26 23.72 -23.86 -16.70
CA PHE E 26 22.77 -24.89 -17.09
C PHE E 26 21.47 -24.21 -17.52
N ARG E 27 21.21 -23.03 -16.96
CA ARG E 27 20.00 -22.31 -17.35
C ARG E 27 20.25 -21.76 -18.77
N TYR E 28 21.46 -21.29 -19.02
CA TYR E 28 21.78 -20.77 -20.35
C TYR E 28 21.66 -21.88 -21.38
N PHE E 29 22.21 -23.05 -21.07
CA PHE E 29 22.13 -24.17 -22.00
C PHE E 29 20.69 -24.56 -22.30
N GLU E 30 19.83 -24.49 -21.28
CA GLU E 30 18.43 -24.84 -21.45
C GLU E 30 17.80 -23.91 -22.48
N GLU E 31 18.10 -22.62 -22.36
CA GLU E 31 17.55 -21.64 -23.29
C GLU E 31 18.06 -21.95 -24.70
N ALA E 32 19.33 -22.32 -24.80
CA ALA E 32 19.90 -22.64 -26.11
C ALA E 32 19.15 -23.81 -26.73
N ARG E 33 18.89 -24.84 -25.92
CA ARG E 33 18.17 -26.04 -26.35
C ARG E 33 16.79 -25.65 -26.84
N GLY E 34 16.17 -24.73 -26.12
CA GLY E 34 14.85 -24.27 -26.47
C GLY E 34 14.83 -23.62 -27.83
N GLU E 35 15.74 -22.69 -28.05
CA GLU E 35 15.79 -22.01 -29.33
C GLU E 35 16.17 -22.96 -30.48
N PHE E 36 17.06 -23.91 -30.20
CA PHE E 36 17.48 -24.89 -31.19
C PHE E 36 16.27 -25.67 -31.67
N LEU E 37 15.50 -26.17 -30.71
CA LEU E 37 14.31 -26.97 -31.03
C LEU E 37 13.25 -26.18 -31.79
N ARG E 38 13.06 -24.91 -31.41
CA ARG E 38 12.08 -24.04 -32.05
C ARG E 38 12.48 -23.81 -33.53
N SER E 39 13.77 -23.58 -33.73
CA SER E 39 14.32 -23.36 -35.07
C SER E 39 14.10 -24.56 -35.96
N LYS E 40 14.01 -25.75 -35.37
CA LYS E 40 13.82 -26.97 -36.15
C LYS E 40 12.36 -27.24 -36.44
N GLY E 41 11.48 -26.54 -35.76
CA GLY E 41 10.06 -26.74 -35.99
C GLY E 41 9.35 -27.48 -34.88
N PHE E 42 10.11 -27.99 -33.91
CA PHE E 42 9.48 -28.73 -32.83
C PHE E 42 9.73 -28.03 -31.49
N PRO E 43 9.23 -26.79 -31.32
CA PRO E 43 9.47 -26.12 -30.04
C PRO E 43 9.07 -26.99 -28.86
N TYR E 44 9.84 -26.92 -27.79
CA TYR E 44 9.55 -27.72 -26.62
C TYR E 44 8.10 -27.65 -26.12
N SER E 45 7.35 -26.63 -26.52
CA SER E 45 5.97 -26.49 -26.10
C SER E 45 5.02 -27.40 -26.88
N LYS E 46 5.19 -27.46 -28.20
CA LYS E 46 4.35 -28.33 -29.04
C LYS E 46 4.57 -29.77 -28.58
N MET E 47 5.76 -30.05 -28.05
CA MET E 47 6.07 -31.38 -27.56
C MET E 47 5.26 -31.67 -26.31
N ARG E 48 5.55 -30.92 -25.24
CA ARG E 48 4.85 -31.09 -23.97
C ARG E 48 3.35 -31.18 -24.20
N ASP E 49 2.83 -30.30 -25.05
CA ASP E 49 1.42 -30.28 -25.38
C ASP E 49 1.05 -31.62 -26.03
N MET E 50 2.01 -32.19 -26.76
CA MET E 50 1.83 -33.46 -27.44
C MET E 50 2.06 -34.63 -26.48
N GLY E 51 1.98 -34.34 -25.19
CA GLY E 51 2.18 -35.37 -24.18
C GLY E 51 3.63 -35.76 -23.97
N LEU E 52 4.51 -35.29 -24.85
CA LEU E 52 5.94 -35.58 -24.76
C LEU E 52 6.70 -34.61 -23.87
N GLU E 53 7.73 -35.13 -23.19
CA GLU E 53 8.56 -34.30 -22.31
C GLU E 53 10.01 -34.67 -22.52
N VAL E 54 10.91 -33.72 -22.30
CA VAL E 54 12.32 -33.98 -22.44
C VAL E 54 12.91 -34.13 -21.03
N VAL E 55 13.37 -35.34 -20.71
CA VAL E 55 13.94 -35.63 -19.40
C VAL E 55 15.46 -35.63 -19.44
N LEU E 56 16.05 -34.86 -18.54
CA LEU E 56 17.50 -34.78 -18.44
C LEU E 56 18.02 -36.01 -17.70
N LEU E 57 19.05 -36.63 -18.24
CA LEU E 57 19.66 -37.81 -17.61
C LEU E 57 20.92 -37.38 -16.85
N ASN E 58 21.70 -36.49 -17.46
CA ASN E 58 22.91 -35.96 -16.82
C ASN E 58 23.40 -34.67 -17.50
N ALA E 59 24.23 -33.93 -16.79
CA ALA E 59 24.75 -32.67 -17.31
C ALA E 59 26.16 -32.43 -16.78
N TYR E 60 26.97 -31.80 -17.62
CA TYR E 60 28.34 -31.51 -17.27
C TYR E 60 28.73 -30.14 -17.80
N CYS E 61 29.51 -29.41 -17.01
CA CYS E 61 29.99 -28.13 -17.45
C CYS E 61 31.38 -27.93 -16.91
N GLU E 62 32.25 -27.46 -17.79
CA GLU E 62 33.64 -27.19 -17.48
C GLU E 62 33.83 -25.68 -17.59
N TYR E 63 34.29 -25.05 -16.52
CA TYR E 63 34.48 -23.61 -16.47
C TYR E 63 35.95 -23.20 -16.59
N LYS E 64 36.27 -22.40 -17.59
CA LYS E 64 37.65 -21.97 -17.79
C LYS E 64 37.89 -20.49 -17.50
N LYS E 65 36.91 -19.64 -17.83
CA LYS E 65 37.00 -18.20 -17.60
C LYS E 65 35.62 -17.69 -17.22
N PRO E 66 35.55 -16.69 -16.33
CA PRO E 66 34.26 -16.14 -15.90
C PRO E 66 33.51 -15.25 -16.88
N LEU E 67 32.23 -15.07 -16.59
CA LEU E 67 31.33 -14.22 -17.34
C LEU E 67 30.95 -13.13 -16.35
N PHE E 68 31.00 -11.87 -16.77
CA PHE E 68 30.66 -10.76 -15.90
C PHE E 68 29.35 -10.11 -16.32
N TYR E 69 28.74 -9.33 -15.42
CA TYR E 69 27.49 -8.65 -15.72
C TYR E 69 27.59 -7.86 -17.03
N ASP E 70 26.55 -7.93 -17.84
CA ASP E 70 26.46 -7.21 -19.13
C ASP E 70 27.34 -7.79 -20.24
N ASP E 71 28.03 -8.87 -19.94
CA ASP E 71 28.87 -9.53 -20.94
C ASP E 71 28.01 -10.11 -22.05
N VAL E 72 28.35 -9.81 -23.28
CA VAL E 72 27.63 -10.35 -24.43
C VAL E 72 28.36 -11.65 -24.78
N PHE E 73 27.64 -12.78 -24.76
CA PHE E 73 28.28 -14.05 -25.09
C PHE E 73 27.40 -14.89 -26.02
N GLU E 74 27.93 -16.02 -26.48
CA GLU E 74 27.16 -16.90 -27.37
C GLU E 74 27.35 -18.34 -26.94
N VAL E 75 26.29 -19.12 -27.05
CA VAL E 75 26.36 -20.53 -26.71
C VAL E 75 26.28 -21.28 -28.02
N HIS E 76 27.29 -22.09 -28.32
CA HIS E 76 27.29 -22.87 -29.55
C HIS E 76 26.94 -24.31 -29.25
N LEU E 77 25.77 -24.71 -29.73
CA LEU E 77 25.22 -26.04 -29.52
C LEU E 77 25.38 -26.99 -30.72
N ASN E 78 25.68 -28.24 -30.43
CA ASN E 78 25.86 -29.28 -31.44
C ASN E 78 25.26 -30.58 -30.90
N LEU E 79 24.68 -31.37 -31.81
CA LEU E 79 24.10 -32.67 -31.45
C LEU E 79 25.27 -33.63 -31.46
N GLU E 80 25.62 -34.14 -30.30
CA GLU E 80 26.75 -35.06 -30.19
C GLU E 80 26.40 -36.52 -30.43
N GLU E 81 25.58 -37.09 -29.54
CA GLU E 81 25.18 -38.49 -29.68
C GLU E 81 23.67 -38.57 -29.90
N LEU E 82 23.23 -39.59 -30.63
CA LEU E 82 21.82 -39.76 -30.89
C LEU E 82 21.43 -41.23 -31.04
N SER E 83 20.93 -41.81 -29.95
CA SER E 83 20.52 -43.22 -29.92
C SER E 83 19.01 -43.34 -30.11
N ARG E 84 18.49 -44.54 -29.91
CA ARG E 84 17.05 -44.78 -30.08
C ARG E 84 16.22 -44.13 -28.98
N PHE E 85 16.80 -44.04 -27.79
CA PHE E 85 16.09 -43.47 -26.65
C PHE E 85 16.69 -42.19 -26.08
N THR E 86 17.91 -41.87 -26.47
CA THR E 86 18.56 -40.68 -25.93
C THR E 86 19.27 -39.83 -26.96
N PHE E 87 19.58 -38.60 -26.56
CA PHE E 87 20.32 -37.68 -27.41
C PHE E 87 21.13 -36.72 -26.54
N THR E 88 22.36 -36.44 -26.98
CA THR E 88 23.26 -35.58 -26.24
C THR E 88 23.64 -34.33 -27.00
N PHE E 89 23.70 -33.21 -26.27
CA PHE E 89 24.07 -31.91 -26.80
C PHE E 89 25.41 -31.53 -26.18
N SER E 90 26.26 -30.85 -26.96
CA SER E 90 27.52 -30.37 -26.43
C SER E 90 27.37 -28.87 -26.56
N TYR E 91 28.09 -28.11 -25.75
CA TYR E 91 27.98 -26.67 -25.80
C TYR E 91 29.33 -26.04 -25.60
N ILE E 92 29.52 -24.86 -26.20
CA ILE E 92 30.73 -24.12 -26.01
C ILE E 92 30.29 -22.67 -25.83
N VAL E 93 30.67 -22.08 -24.70
CA VAL E 93 30.31 -20.70 -24.41
C VAL E 93 31.47 -19.80 -24.85
N PHE E 94 31.19 -18.90 -25.78
CA PHE E 94 32.19 -17.99 -26.30
C PHE E 94 31.99 -16.56 -25.85
N LYS E 95 33.08 -15.93 -25.47
CA LYS E 95 33.11 -14.54 -25.04
C LYS E 95 34.17 -13.90 -25.94
N GLU E 96 33.76 -13.02 -26.83
CA GLU E 96 34.70 -12.38 -27.74
C GLU E 96 35.46 -13.48 -28.50
N ASP E 97 34.72 -14.47 -28.98
CA ASP E 97 35.28 -15.59 -29.72
C ASP E 97 36.18 -16.49 -28.88
N ILE E 98 36.26 -16.22 -27.57
CA ILE E 98 37.06 -17.04 -26.67
C ILE E 98 36.17 -17.97 -25.88
N ALA E 99 36.52 -19.26 -25.85
CA ALA E 99 35.75 -20.26 -25.13
C ALA E 99 35.95 -20.10 -23.63
N VAL E 100 34.90 -19.73 -22.92
CA VAL E 100 35.01 -19.55 -21.49
C VAL E 100 34.46 -20.73 -20.70
N ALA E 101 33.75 -21.63 -21.40
CA ALA E 101 33.17 -22.81 -20.77
C ALA E 101 32.70 -23.80 -21.83
N LYS E 102 32.73 -25.09 -21.49
CA LYS E 102 32.31 -26.18 -22.38
C LYS E 102 31.41 -27.12 -21.57
N ALA E 103 30.39 -27.68 -22.21
CA ALA E 103 29.48 -28.54 -21.49
C ALA E 103 28.71 -29.53 -22.37
N ASN E 104 27.96 -30.42 -21.71
CA ASN E 104 27.13 -31.40 -22.40
C ASN E 104 25.98 -31.87 -21.50
N THR E 105 24.88 -32.27 -22.15
CA THR E 105 23.69 -32.77 -21.47
C THR E 105 23.12 -33.94 -22.26
N LYS E 106 22.69 -34.97 -21.54
CA LYS E 106 22.12 -36.15 -22.17
C LYS E 106 20.64 -36.17 -21.82
N HIS E 107 19.79 -36.45 -22.80
CA HIS E 107 18.34 -36.44 -22.59
C HIS E 107 17.60 -37.67 -23.14
N CYS E 108 16.42 -37.91 -22.61
CA CYS E 108 15.56 -39.00 -23.08
C CYS E 108 14.17 -38.40 -23.13
N MET E 109 13.25 -39.09 -23.79
CA MET E 109 11.88 -38.62 -23.94
C MET E 109 10.92 -39.45 -23.09
N VAL E 110 9.90 -38.78 -22.55
CA VAL E 110 8.89 -39.46 -21.75
C VAL E 110 7.52 -38.99 -22.23
N LYS E 111 6.68 -39.94 -22.62
CA LYS E 111 5.33 -39.67 -23.12
C LYS E 111 4.25 -40.33 -22.24
N ASN E 112 3.40 -39.50 -21.64
CA ASN E 112 2.33 -39.99 -20.79
C ASN E 112 2.88 -40.87 -19.66
N GLY E 113 3.97 -40.40 -19.05
CA GLY E 113 4.58 -41.11 -17.93
C GLY E 113 5.60 -42.19 -18.24
N LYS E 114 5.73 -42.57 -19.50
CA LYS E 114 6.68 -43.62 -19.84
C LYS E 114 7.84 -43.15 -20.72
N ILE E 115 9.02 -43.71 -20.51
CA ILE E 115 10.15 -43.36 -21.35
C ILE E 115 9.87 -44.06 -22.66
N VAL E 116 9.80 -43.31 -23.75
CA VAL E 116 9.52 -43.89 -25.05
C VAL E 116 10.67 -43.69 -26.01
N SER E 117 10.59 -44.35 -27.16
CA SER E 117 11.62 -44.22 -28.18
C SER E 117 11.42 -42.84 -28.79
N ILE E 118 12.52 -42.18 -29.12
CA ILE E 118 12.45 -40.85 -29.72
C ILE E 118 11.61 -40.89 -30.99
N PRO E 119 10.42 -40.27 -30.96
CA PRO E 119 9.56 -40.27 -32.15
C PRO E 119 10.33 -39.84 -33.39
N LYS E 120 9.96 -40.38 -34.55
CA LYS E 120 10.62 -40.06 -35.81
C LYS E 120 10.46 -38.58 -36.10
N GLU E 121 9.28 -38.05 -35.78
CA GLU E 121 9.00 -36.64 -35.99
C GLU E 121 10.15 -35.85 -35.36
N VAL E 122 10.43 -36.13 -34.08
CA VAL E 122 11.51 -35.45 -33.38
C VAL E 122 12.87 -35.90 -33.89
N LEU E 123 12.92 -37.12 -34.41
CA LEU E 123 14.16 -37.72 -34.92
C LEU E 123 14.89 -36.87 -35.97
N GLU E 124 14.17 -36.28 -36.91
CA GLU E 124 14.85 -35.45 -37.90
C GLU E 124 14.46 -33.99 -37.74
N PHE F 3 -15.02 42.45 21.85
CA PHE F 3 -14.00 41.43 21.45
C PHE F 3 -14.02 41.23 19.95
N ILE F 4 -12.84 41.11 19.35
CA ILE F 4 -12.75 40.91 17.92
C ILE F 4 -12.15 39.54 17.61
N TYR F 5 -12.89 38.72 16.89
CA TYR F 5 -12.42 37.40 16.52
C TYR F 5 -12.16 37.34 15.02
N ARG F 6 -10.95 36.95 14.63
CA ARG F 6 -10.58 36.88 13.22
C ARG F 6 -10.57 35.44 12.69
N ARG F 7 -11.05 35.27 11.45
CA ARG F 7 -11.12 33.95 10.85
C ARG F 7 -11.26 33.95 9.33
N ARG F 8 -10.77 32.88 8.69
CA ARG F 8 -10.85 32.73 7.24
C ARG F 8 -11.77 31.55 6.90
N VAL F 9 -12.63 31.76 5.91
CA VAL F 9 -13.58 30.72 5.45
C VAL F 9 -12.85 29.51 4.86
N GLN F 10 -13.14 28.32 5.41
CA GLN F 10 -12.54 27.09 4.90
C GLN F 10 -13.41 26.56 3.77
N PHE F 11 -12.83 25.78 2.86
CA PHE F 11 -13.59 25.27 1.73
C PHE F 11 -14.76 24.36 2.10
N TYR F 12 -14.58 23.51 3.10
CA TYR F 12 -15.66 22.60 3.50
C TYR F 12 -16.79 23.31 4.24
N GLU F 13 -16.62 24.60 4.49
CA GLU F 13 -17.66 25.36 5.19
C GLU F 13 -18.67 25.94 4.21
N THR F 14 -18.42 25.76 2.92
CA THR F 14 -19.31 26.25 1.89
C THR F 14 -20.19 25.09 1.40
N ASP F 15 -21.18 25.44 0.58
CA ASP F 15 -22.09 24.46 0.01
C ASP F 15 -22.15 24.65 -1.52
N ALA F 16 -22.99 23.88 -2.19
CA ALA F 16 -23.11 23.97 -3.64
C ALA F 16 -23.52 25.35 -4.13
N GLN F 17 -24.02 26.16 -3.21
CA GLN F 17 -24.45 27.51 -3.54
C GLN F 17 -23.24 28.43 -3.59
N GLY F 18 -22.07 27.87 -3.28
CA GLY F 18 -20.84 28.64 -3.30
C GLY F 18 -20.68 29.62 -2.15
N ILE F 19 -21.47 29.42 -1.10
CA ILE F 19 -21.39 30.31 0.05
C ILE F 19 -21.32 29.47 1.33
N VAL F 20 -20.93 30.12 2.43
CA VAL F 20 -20.84 29.43 3.71
C VAL F 20 -22.26 29.02 4.15
N HIS F 21 -22.42 27.75 4.52
CA HIS F 21 -23.72 27.29 4.95
C HIS F 21 -24.08 28.07 6.21
N HIS F 22 -25.33 28.52 6.28
CA HIS F 22 -25.76 29.32 7.41
C HIS F 22 -25.58 28.69 8.77
N SER F 23 -25.62 27.36 8.84
CA SER F 23 -25.46 26.69 10.13
C SER F 23 -24.04 26.89 10.66
N ASN F 24 -23.10 27.14 9.74
CA ASN F 24 -21.70 27.32 10.13
C ASN F 24 -21.46 28.61 10.88
N TYR F 25 -22.31 29.62 10.65
CA TYR F 25 -22.16 30.90 11.34
C TYR F 25 -22.24 30.69 12.85
N PHE F 26 -23.13 29.80 13.28
CA PHE F 26 -23.28 29.53 14.70
C PHE F 26 -22.00 28.86 15.20
N ARG F 27 -21.23 28.30 14.28
CA ARG F 27 -19.99 27.65 14.66
C ARG F 27 -18.93 28.73 14.82
N TYR F 28 -18.97 29.73 13.94
CA TYR F 28 -18.03 30.85 14.03
C TYR F 28 -18.28 31.59 15.34
N PHE F 29 -19.56 31.75 15.68
CA PHE F 29 -19.93 32.44 16.91
C PHE F 29 -19.38 31.70 18.10
N GLU F 30 -19.51 30.37 18.08
CA GLU F 30 -19.01 29.57 19.18
C GLU F 30 -17.50 29.76 19.28
N GLU F 31 -16.82 29.88 18.14
CA GLU F 31 -15.37 30.07 18.16
C GLU F 31 -15.06 31.42 18.83
N ALA F 32 -15.79 32.45 18.44
CA ALA F 32 -15.60 33.78 19.02
C ALA F 32 -15.74 33.73 20.54
N ARG F 33 -16.77 33.03 21.03
CA ARG F 33 -17.01 32.91 22.47
C ARG F 33 -15.83 32.22 23.15
N GLY F 34 -15.31 31.18 22.52
CA GLY F 34 -14.19 30.43 23.08
C GLY F 34 -12.96 31.27 23.31
N GLU F 35 -12.63 32.13 22.34
CA GLU F 35 -11.47 32.98 22.44
C GLU F 35 -11.70 34.17 23.35
N PHE F 36 -12.96 34.59 23.45
CA PHE F 36 -13.34 35.70 24.32
C PHE F 36 -13.12 35.29 25.77
N LEU F 37 -13.60 34.11 26.13
CA LEU F 37 -13.45 33.61 27.49
C LEU F 37 -11.98 33.36 27.80
N ARG F 38 -11.27 32.76 26.85
CA ARG F 38 -9.85 32.46 27.02
C ARG F 38 -9.07 33.74 27.31
N SER F 39 -9.35 34.81 26.56
CA SER F 39 -8.67 36.08 26.74
C SER F 39 -8.96 36.64 28.13
N LYS F 40 -10.08 36.21 28.70
CA LYS F 40 -10.50 36.65 30.02
C LYS F 40 -9.95 35.76 31.13
N GLY F 41 -9.16 34.77 30.76
CA GLY F 41 -8.59 33.88 31.76
C GLY F 41 -9.61 32.89 32.29
N PHE F 42 -10.75 32.82 31.62
CA PHE F 42 -11.81 31.90 32.02
C PHE F 42 -12.25 31.15 30.77
N PRO F 43 -11.31 30.44 30.11
CA PRO F 43 -11.67 29.68 28.91
C PRO F 43 -12.79 28.71 29.18
N TYR F 44 -13.59 28.42 28.16
CA TYR F 44 -14.70 27.50 28.31
C TYR F 44 -14.18 26.15 28.79
N SER F 45 -12.85 25.98 28.72
CA SER F 45 -12.19 24.74 29.11
C SER F 45 -12.04 24.52 30.61
N LYS F 46 -11.37 25.45 31.30
CA LYS F 46 -11.17 25.33 32.75
C LYS F 46 -12.51 25.39 33.45
N MET F 47 -13.49 26.04 32.82
CA MET F 47 -14.82 26.15 33.38
C MET F 47 -15.40 24.77 33.65
N ARG F 48 -15.56 23.98 32.59
CA ARG F 48 -16.12 22.64 32.69
C ARG F 48 -15.49 21.82 33.83
N ASP F 49 -14.22 22.06 34.10
CA ASP F 49 -13.52 21.35 35.17
C ASP F 49 -14.26 21.54 36.49
N MET F 50 -14.85 22.71 36.67
CA MET F 50 -15.58 23.03 37.88
C MET F 50 -16.99 22.44 37.87
N GLY F 51 -17.41 21.91 36.73
CA GLY F 51 -18.73 21.33 36.61
C GLY F 51 -19.68 22.31 35.94
N LEU F 52 -19.18 23.51 35.66
CA LEU F 52 -19.97 24.54 35.01
C LEU F 52 -20.03 24.24 33.51
N GLU F 53 -21.23 24.00 32.98
CA GLU F 53 -21.36 23.72 31.57
C GLU F 53 -22.31 24.69 30.90
N VAL F 54 -21.75 25.64 30.16
CA VAL F 54 -22.55 26.64 29.46
C VAL F 54 -23.51 25.99 28.49
N VAL F 55 -24.80 26.21 28.70
CA VAL F 55 -25.84 25.65 27.86
C VAL F 55 -26.45 26.76 27.01
N LEU F 56 -26.89 26.42 25.81
CA LEU F 56 -27.50 27.40 24.93
C LEU F 56 -29.01 27.34 25.08
N LEU F 57 -29.64 28.49 25.22
CA LEU F 57 -31.09 28.58 25.37
C LEU F 57 -31.69 28.86 23.99
N ASN F 58 -31.19 29.89 23.33
CA ASN F 58 -31.67 30.24 22.00
C ASN F 58 -30.61 30.98 21.19
N ALA F 59 -30.85 31.07 19.88
CA ALA F 59 -29.92 31.73 18.99
C ALA F 59 -30.65 32.26 17.76
N TYR F 60 -30.12 33.34 17.22
CA TYR F 60 -30.71 33.98 16.05
C TYR F 60 -29.59 34.55 15.21
N CYS F 61 -29.76 34.51 13.90
CA CYS F 61 -28.77 35.07 12.99
C CYS F 61 -29.47 35.61 11.77
N GLU F 62 -29.13 36.84 11.41
CA GLU F 62 -29.69 37.50 10.24
C GLU F 62 -28.59 37.55 9.19
N TYR F 63 -28.91 37.12 7.98
CA TYR F 63 -27.95 37.08 6.90
C TYR F 63 -28.17 38.23 5.93
N LYS F 64 -27.19 39.12 5.87
CA LYS F 64 -27.27 40.28 5.01
C LYS F 64 -26.42 40.13 3.75
N LYS F 65 -25.24 39.52 3.89
CA LYS F 65 -24.37 39.34 2.76
C LYS F 65 -23.58 38.04 2.80
N PRO F 66 -23.40 37.38 1.64
CA PRO F 66 -22.69 36.12 1.46
C PRO F 66 -21.23 36.13 1.92
N LEU F 67 -20.75 34.94 2.28
CA LEU F 67 -19.38 34.74 2.71
C LEU F 67 -18.86 33.63 1.78
N PHE F 68 -17.75 33.90 1.10
CA PHE F 68 -17.19 32.94 0.14
C PHE F 68 -15.95 32.24 0.68
N TYR F 69 -15.59 31.15 0.02
CA TYR F 69 -14.41 30.39 0.39
C TYR F 69 -13.18 31.30 0.45
N ASP F 70 -12.39 31.12 1.50
CA ASP F 70 -11.16 31.87 1.71
C ASP F 70 -11.37 33.33 2.12
N ASP F 71 -12.61 33.77 2.23
CA ASP F 71 -12.90 35.13 2.64
C ASP F 71 -12.34 35.32 4.05
N VAL F 72 -11.80 36.51 4.32
CA VAL F 72 -11.28 36.84 5.64
C VAL F 72 -12.36 37.69 6.27
N PHE F 73 -12.69 37.43 7.52
CA PHE F 73 -13.72 38.20 8.19
C PHE F 73 -13.49 38.21 9.69
N GLU F 74 -14.28 39.00 10.42
CA GLU F 74 -14.16 39.05 11.88
C GLU F 74 -15.53 39.05 12.54
N VAL F 75 -15.60 38.41 13.71
CA VAL F 75 -16.83 38.33 14.47
C VAL F 75 -16.68 39.24 15.67
N HIS F 76 -17.51 40.27 15.73
CA HIS F 76 -17.46 41.22 16.85
C HIS F 76 -18.48 40.79 17.89
N LEU F 77 -17.97 40.28 19.00
CA LEU F 77 -18.79 39.80 20.11
C LEU F 77 -18.93 40.82 21.23
N ASN F 78 -20.12 40.88 21.82
CA ASN F 78 -20.40 41.81 22.91
C ASN F 78 -21.51 41.29 23.84
N LEU F 79 -21.54 41.80 25.07
CA LEU F 79 -22.55 41.39 26.04
C LEU F 79 -23.76 42.33 25.98
N THR F 86 -28.64 34.19 33.52
CA THR F 86 -28.70 34.20 32.06
C THR F 86 -27.92 35.36 31.44
N PHE F 87 -27.22 35.09 30.35
CA PHE F 87 -26.45 36.09 29.65
C PHE F 87 -26.50 35.86 28.15
N THR F 88 -26.67 36.94 27.38
CA THR F 88 -26.71 36.79 25.93
C THR F 88 -25.51 37.51 25.30
N PHE F 89 -25.09 37.00 24.15
CA PHE F 89 -23.98 37.59 23.40
C PHE F 89 -24.53 38.15 22.10
N SER F 90 -24.00 39.29 21.67
CA SER F 90 -24.40 39.92 20.42
C SER F 90 -23.23 39.65 19.48
N TYR F 91 -23.52 39.48 18.20
CA TYR F 91 -22.47 39.21 17.24
C TYR F 91 -22.69 40.00 15.95
N ILE F 92 -21.60 40.50 15.40
CA ILE F 92 -21.69 41.20 14.13
C ILE F 92 -20.50 40.68 13.31
N VAL F 93 -20.82 40.19 12.11
CA VAL F 93 -19.82 39.65 11.22
C VAL F 93 -19.46 40.68 10.15
N PHE F 94 -18.17 41.04 10.12
CA PHE F 94 -17.69 42.01 9.17
C PHE F 94 -16.75 41.41 8.13
N LYS F 95 -16.91 41.84 6.89
CA LYS F 95 -16.05 41.42 5.80
C LYS F 95 -15.65 42.72 5.13
N GLU F 96 -14.38 43.09 5.30
CA GLU F 96 -13.87 44.34 4.75
C GLU F 96 -14.70 45.49 5.32
N ASP F 97 -14.97 45.41 6.62
CA ASP F 97 -15.73 46.44 7.32
C ASP F 97 -17.21 46.57 6.95
N ILE F 98 -17.73 45.62 6.18
CA ILE F 98 -19.15 45.63 5.81
C ILE F 98 -19.88 44.55 6.62
N ALA F 99 -21.01 44.91 7.22
CA ALA F 99 -21.78 43.96 8.02
C ALA F 99 -22.44 42.92 7.11
N VAL F 100 -22.00 41.67 7.20
CA VAL F 100 -22.57 40.63 6.37
C VAL F 100 -23.59 39.80 7.14
N ALA F 101 -23.65 39.98 8.45
CA ALA F 101 -24.60 39.26 9.28
C ALA F 101 -24.58 39.75 10.73
N LYS F 102 -25.72 39.64 11.41
CA LYS F 102 -25.85 40.05 12.81
C LYS F 102 -26.52 38.90 13.55
N ALA F 103 -26.08 38.64 14.78
CA ALA F 103 -26.65 37.53 15.54
C ALA F 103 -26.65 37.76 17.05
N ASN F 104 -27.15 36.78 17.77
CA ASN F 104 -27.19 36.81 19.24
C ASN F 104 -27.53 35.44 19.77
N THR F 105 -26.90 35.07 20.88
CA THR F 105 -27.15 33.77 21.51
C THR F 105 -27.39 33.97 23.00
N LYS F 106 -28.27 33.14 23.56
CA LYS F 106 -28.60 33.20 24.98
C LYS F 106 -28.09 31.94 25.67
N HIS F 107 -27.41 32.10 26.79
CA HIS F 107 -26.86 30.97 27.50
C HIS F 107 -27.15 31.00 29.00
N CYS F 108 -26.78 29.92 29.68
CA CYS F 108 -26.94 29.81 31.11
C CYS F 108 -26.02 28.70 31.59
N MET F 109 -25.82 28.63 32.90
CA MET F 109 -24.96 27.62 33.47
C MET F 109 -25.74 26.58 34.25
N VAL F 110 -25.17 25.37 34.28
CA VAL F 110 -25.72 24.24 35.02
C VAL F 110 -24.45 23.71 35.66
N LYS F 111 -24.50 23.29 36.91
CA LYS F 111 -23.28 22.77 37.51
C LYS F 111 -23.30 21.24 37.56
N ILE F 115 -28.40 23.94 36.91
CA ILE F 115 -28.80 25.31 36.65
C ILE F 115 -28.51 26.22 37.83
N VAL F 116 -27.49 27.08 37.69
CA VAL F 116 -27.11 27.98 38.78
C VAL F 116 -26.95 29.44 38.37
N SER F 117 -26.80 30.29 39.37
CA SER F 117 -26.60 31.71 39.14
C SER F 117 -25.22 31.86 38.53
N ILE F 118 -24.95 33.02 37.95
CA ILE F 118 -23.66 33.25 37.33
C ILE F 118 -22.64 33.58 38.43
N PRO F 119 -21.70 32.64 38.68
CA PRO F 119 -20.68 32.86 39.71
C PRO F 119 -19.98 34.21 39.55
N VAL F 122 -16.48 34.52 37.26
CA VAL F 122 -17.07 34.16 35.95
C VAL F 122 -17.80 35.43 35.52
N LEU F 123 -18.70 35.85 36.42
CA LEU F 123 -19.59 37.02 36.20
C LEU F 123 -18.98 38.29 35.57
N GLU F 124 -17.80 38.68 36.04
CA GLU F 124 -17.02 39.85 35.57
C GLU F 124 -15.90 39.60 34.54
N VAL F 125 -15.68 38.36 34.14
CA VAL F 125 -14.70 38.08 33.08
C VAL F 125 -15.49 38.30 31.77
N LEU F 126 -16.78 38.53 31.98
CA LEU F 126 -17.71 38.81 30.92
C LEU F 126 -17.72 40.31 30.67
N PHE G 3 -44.60 18.67 6.21
CA PHE G 3 -45.29 19.00 7.49
C PHE G 3 -44.69 18.17 8.64
N ILE G 4 -44.61 16.86 8.44
CA ILE G 4 -44.04 15.98 9.45
C ILE G 4 -42.75 15.38 8.91
N TYR G 5 -41.64 15.62 9.60
CA TYR G 5 -40.36 15.09 9.17
C TYR G 5 -39.75 14.20 10.25
N ARG G 6 -39.58 12.92 9.94
CA ARG G 6 -39.00 11.99 10.91
C ARG G 6 -37.53 11.74 10.68
N ARG G 7 -36.77 11.74 11.76
CA ARG G 7 -35.33 11.55 11.68
C ARG G 7 -34.73 11.00 12.97
N ARG G 8 -33.55 10.41 12.87
CA ARG G 8 -32.86 9.89 14.04
C ARG G 8 -31.50 10.56 14.16
N VAL G 9 -31.10 10.88 15.38
CA VAL G 9 -29.82 11.53 15.66
C VAL G 9 -28.61 10.64 15.35
N GLN G 10 -27.71 11.15 14.51
CA GLN G 10 -26.50 10.41 14.17
C GLN G 10 -25.41 10.76 15.18
N PHE G 11 -24.50 9.83 15.41
CA PHE G 11 -23.44 10.05 16.38
C PHE G 11 -22.62 11.33 16.12
N TYR G 12 -22.21 11.55 14.88
CA TYR G 12 -21.42 12.72 14.54
C TYR G 12 -22.12 14.06 14.70
N GLU G 13 -23.43 14.02 14.97
CA GLU G 13 -24.20 15.24 15.16
C GLU G 13 -24.20 15.69 16.62
N THR G 14 -23.60 14.89 17.49
CA THR G 14 -23.53 15.22 18.91
C THR G 14 -22.20 15.89 19.28
N ASP G 15 -22.14 16.43 20.50
CA ASP G 15 -20.96 17.12 21.04
C ASP G 15 -20.34 16.35 22.19
N ALA G 16 -19.26 16.91 22.72
CA ALA G 16 -18.58 16.30 23.86
C ALA G 16 -19.49 16.35 25.08
N GLN G 17 -20.47 17.26 25.09
CA GLN G 17 -21.37 17.31 26.23
C GLN G 17 -22.50 16.28 26.08
N GLY G 18 -22.37 15.42 25.07
CA GLY G 18 -23.33 14.36 24.85
C GLY G 18 -24.68 14.72 24.26
N ILE G 19 -24.77 15.84 23.57
CA ILE G 19 -26.04 16.24 22.97
C ILE G 19 -25.82 16.77 21.55
N VAL G 20 -26.88 16.84 20.77
CA VAL G 20 -26.80 17.34 19.42
C VAL G 20 -26.34 18.79 19.46
N HIS G 21 -25.29 19.12 18.71
CA HIS G 21 -24.81 20.49 18.69
C HIS G 21 -25.93 21.39 18.15
N HIS G 22 -26.06 22.57 18.74
CA HIS G 22 -27.12 23.49 18.34
C HIS G 22 -27.10 23.88 16.87
N SER G 23 -25.92 23.89 16.25
CA SER G 23 -25.84 24.26 14.84
C SER G 23 -26.47 23.21 13.94
N ASN G 24 -26.55 21.97 14.43
CA ASN G 24 -27.13 20.91 13.64
C ASN G 24 -28.64 21.03 13.46
N TYR G 25 -29.31 21.64 14.43
CA TYR G 25 -30.76 21.80 14.33
C TYR G 25 -31.16 22.50 13.03
N PHE G 26 -30.36 23.47 12.61
CA PHE G 26 -30.65 24.19 11.38
C PHE G 26 -30.52 23.26 10.17
N ARG G 27 -29.68 22.25 10.33
CA ARG G 27 -29.47 21.29 9.27
C ARG G 27 -30.70 20.38 9.18
N TYR G 28 -31.28 20.06 10.34
CA TYR G 28 -32.49 19.25 10.33
C TYR G 28 -33.63 20.07 9.72
N PHE G 29 -33.70 21.36 10.05
CA PHE G 29 -34.78 22.19 9.52
C PHE G 29 -34.65 22.27 7.99
N GLU G 30 -33.42 22.21 7.49
CA GLU G 30 -33.21 22.26 6.06
C GLU G 30 -33.69 20.97 5.39
N GLU G 31 -33.49 19.83 6.06
CA GLU G 31 -33.93 18.55 5.51
C GLU G 31 -35.46 18.51 5.46
N ALA G 32 -36.09 18.93 6.54
CA ALA G 32 -37.55 18.96 6.64
C ALA G 32 -38.10 19.87 5.54
N ARG G 33 -37.51 21.05 5.47
CA ARG G 33 -37.89 22.06 4.49
C ARG G 33 -37.73 21.44 3.10
N GLY G 34 -36.65 20.69 2.90
CA GLY G 34 -36.43 20.06 1.62
C GLY G 34 -37.51 19.06 1.25
N GLU G 35 -37.83 18.17 2.16
CA GLU G 35 -38.85 17.17 1.87
C GLU G 35 -40.25 17.76 1.77
N PHE G 36 -40.47 18.92 2.38
CA PHE G 36 -41.76 19.59 2.32
C PHE G 36 -42.01 20.04 0.88
N LEU G 37 -41.03 20.74 0.31
CA LEU G 37 -41.12 21.23 -1.05
C LEU G 37 -41.33 20.11 -2.02
N ARG G 38 -40.52 19.06 -1.91
CA ARG G 38 -40.66 17.92 -2.81
C ARG G 38 -42.11 17.46 -2.73
N SER G 39 -42.64 17.43 -1.50
CA SER G 39 -44.02 17.00 -1.26
C SER G 39 -44.97 17.75 -2.19
N LYS G 40 -44.72 19.05 -2.37
CA LYS G 40 -45.54 19.88 -3.23
C LYS G 40 -44.93 19.98 -4.62
N GLU G 53 -33.02 30.42 -7.05
CA GLU G 53 -32.14 30.39 -5.89
C GLU G 53 -32.85 30.90 -4.64
N VAL G 54 -33.05 30.02 -3.66
CA VAL G 54 -33.70 30.42 -2.42
C VAL G 54 -32.64 30.96 -1.47
N VAL G 55 -32.92 32.12 -0.89
CA VAL G 55 -31.99 32.75 0.02
C VAL G 55 -32.51 32.85 1.45
N LEU G 56 -31.70 32.47 2.42
CA LEU G 56 -32.10 32.55 3.81
C LEU G 56 -31.84 33.97 4.29
N LEU G 57 -32.84 34.57 4.92
CA LEU G 57 -32.72 35.94 5.43
C LEU G 57 -32.32 35.93 6.90
N ASN G 58 -32.98 35.07 7.70
CA ASN G 58 -32.67 34.97 9.13
C ASN G 58 -33.19 33.66 9.70
N ALA G 59 -32.63 33.24 10.83
CA ALA G 59 -33.03 32.00 11.47
C ALA G 59 -32.95 32.10 12.99
N TYR G 60 -33.82 31.37 13.68
CA TYR G 60 -33.86 31.37 15.13
C TYR G 60 -34.27 30.01 15.67
N CYS G 61 -33.72 29.67 16.84
CA CYS G 61 -34.06 28.41 17.46
C CYS G 61 -34.00 28.49 18.96
N GLU G 62 -35.00 27.89 19.59
CA GLU G 62 -35.09 27.87 21.04
C GLU G 62 -34.90 26.41 21.42
N TYR G 63 -33.96 26.15 22.31
CA TYR G 63 -33.65 24.80 22.75
C TYR G 63 -34.18 24.60 24.17
N LYS G 64 -35.19 23.75 24.32
CA LYS G 64 -35.78 23.49 25.63
C LYS G 64 -35.24 22.22 26.26
N LYS G 65 -35.13 21.17 25.44
CA LYS G 65 -34.60 19.89 25.90
C LYS G 65 -33.61 19.38 24.87
N PRO G 66 -32.52 18.75 25.31
CA PRO G 66 -31.52 18.24 24.38
C PRO G 66 -31.93 16.94 23.69
N LEU G 67 -31.29 16.67 22.55
CA LEU G 67 -31.51 15.44 21.80
C LEU G 67 -30.22 14.64 21.96
N PHE G 68 -30.33 13.34 22.16
CA PHE G 68 -29.15 12.50 22.35
C PHE G 68 -28.90 11.61 21.16
N TYR G 69 -27.73 10.95 21.16
CA TYR G 69 -27.34 10.05 20.08
C TYR G 69 -28.50 9.11 19.75
N ASP G 70 -28.75 8.99 18.45
CA ASP G 70 -29.83 8.20 17.86
C ASP G 70 -31.19 8.20 18.53
N ASP G 71 -31.60 9.38 18.99
CA ASP G 71 -32.92 9.57 19.56
C ASP G 71 -33.77 9.74 18.31
N VAL G 72 -34.99 9.23 18.34
CA VAL G 72 -35.86 9.41 17.20
C VAL G 72 -36.64 10.67 17.53
N PHE G 73 -36.78 11.56 16.57
CA PHE G 73 -37.51 12.79 16.82
C PHE G 73 -38.31 13.19 15.61
N GLU G 74 -39.24 14.12 15.80
CA GLU G 74 -40.10 14.59 14.72
C GLU G 74 -40.01 16.09 14.58
N VAL G 75 -39.99 16.55 13.34
CA VAL G 75 -39.94 17.98 13.07
C VAL G 75 -41.24 18.38 12.40
N HIS G 76 -42.03 19.17 13.11
CA HIS G 76 -43.30 19.65 12.60
C HIS G 76 -43.05 20.97 11.88
N LEU G 77 -43.21 20.95 10.56
CA LEU G 77 -43.00 22.15 9.74
C LEU G 77 -44.33 22.80 9.40
N ASN G 78 -44.36 24.13 9.44
CA ASN G 78 -45.58 24.85 9.15
C ASN G 78 -45.27 26.18 8.46
N LEU G 79 -46.07 26.54 7.47
CA LEU G 79 -45.89 27.82 6.80
C LEU G 79 -46.59 28.82 7.72
N GLU G 80 -45.88 29.84 8.16
CA GLU G 80 -46.44 30.82 9.08
C GLU G 80 -46.79 32.15 8.40
N GLU G 81 -45.89 32.65 7.59
CA GLU G 81 -46.11 33.92 6.89
C GLU G 81 -45.85 33.75 5.42
N LEU G 82 -46.46 34.63 4.62
CA LEU G 82 -46.27 34.58 3.19
C LEU G 82 -46.56 35.93 2.57
N SER G 83 -45.73 36.31 1.61
CA SER G 83 -45.85 37.58 0.93
C SER G 83 -45.28 37.46 -0.48
N ARG G 84 -45.35 38.54 -1.25
CA ARG G 84 -44.84 38.50 -2.61
C ARG G 84 -43.34 38.33 -2.69
N PHE G 85 -42.65 38.67 -1.60
CA PHE G 85 -41.19 38.57 -1.57
C PHE G 85 -40.57 37.60 -0.55
N THR G 86 -41.34 37.08 0.40
CA THR G 86 -40.73 36.17 1.37
C THR G 86 -41.70 35.26 2.11
N PHE G 87 -41.28 34.03 2.38
CA PHE G 87 -42.10 33.09 3.13
C PHE G 87 -41.36 32.73 4.41
N THR G 88 -42.12 32.32 5.42
CA THR G 88 -41.53 31.97 6.71
C THR G 88 -42.11 30.64 7.21
N PHE G 89 -41.24 29.75 7.65
CA PHE G 89 -41.63 28.45 8.17
C PHE G 89 -41.42 28.45 9.66
N SER G 90 -42.29 27.76 10.39
CA SER G 90 -42.18 27.64 11.84
C SER G 90 -41.73 26.20 12.06
N TYR G 91 -41.06 25.92 13.16
CA TYR G 91 -40.59 24.56 13.42
C TYR G 91 -40.74 24.15 14.86
N ILE G 92 -41.15 22.90 15.07
CA ILE G 92 -41.27 22.37 16.40
C ILE G 92 -40.69 20.96 16.37
N VAL G 93 -39.77 20.69 17.28
CA VAL G 93 -39.13 19.38 17.34
C VAL G 93 -39.65 18.58 18.52
N PHE G 94 -40.14 17.37 18.23
CA PHE G 94 -40.69 16.51 19.26
C PHE G 94 -39.88 15.23 19.48
N LYS G 95 -39.65 14.94 20.75
CA LYS G 95 -38.95 13.74 21.20
C LYS G 95 -39.99 13.08 22.09
N GLU G 96 -40.67 12.06 21.57
CA GLU G 96 -41.72 11.42 22.33
C GLU G 96 -42.88 12.39 22.32
N ASP G 97 -43.43 12.70 23.50
CA ASP G 97 -44.54 13.64 23.61
C ASP G 97 -44.10 15.02 24.09
N ILE G 98 -42.79 15.27 24.06
CA ILE G 98 -42.24 16.54 24.52
C ILE G 98 -41.56 17.35 23.42
N ALA G 99 -41.94 18.62 23.33
CA ALA G 99 -41.36 19.55 22.35
C ALA G 99 -40.03 20.02 22.91
N VAL G 100 -38.94 19.56 22.31
CA VAL G 100 -37.61 19.93 22.79
C VAL G 100 -36.99 21.15 22.13
N ALA G 101 -37.57 21.61 21.04
CA ALA G 101 -37.03 22.79 20.36
C ALA G 101 -38.05 23.50 19.49
N LYS G 102 -38.00 24.83 19.52
CA LYS G 102 -38.90 25.68 18.74
C LYS G 102 -38.05 26.57 17.83
N ALA G 103 -38.53 26.82 16.62
CA ALA G 103 -37.76 27.64 15.70
C ALA G 103 -38.54 28.14 14.48
N ASN G 104 -37.87 28.98 13.70
CA ASN G 104 -38.44 29.53 12.49
C ASN G 104 -37.34 30.13 11.62
N THR G 105 -37.64 30.27 10.33
CA THR G 105 -36.70 30.82 9.35
C THR G 105 -37.52 31.53 8.29
N LYS G 106 -36.97 32.63 7.76
CA LYS G 106 -37.63 33.38 6.70
C LYS G 106 -36.75 33.31 5.46
N HIS G 107 -37.38 33.23 4.29
CA HIS G 107 -36.65 33.11 3.05
C HIS G 107 -37.20 34.03 1.95
N CYS G 108 -36.42 34.18 0.89
CA CYS G 108 -36.79 34.98 -0.28
C CYS G 108 -36.17 34.27 -1.49
N MET G 109 -36.26 34.87 -2.66
CA MET G 109 -35.71 34.24 -3.86
C MET G 109 -35.07 35.24 -4.81
N VAL G 110 -33.89 34.89 -5.34
CA VAL G 110 -33.18 35.79 -6.23
C VAL G 110 -32.50 35.06 -7.39
N LYS G 111 -32.80 35.50 -8.62
CA LYS G 111 -32.18 34.91 -9.80
C LYS G 111 -31.39 35.97 -10.55
N PRO H 2 3.85 -13.41 16.46
CA PRO H 2 4.55 -13.57 15.15
C PRO H 2 5.26 -14.91 15.06
N PHE H 3 5.22 -15.53 13.89
CA PHE H 3 5.90 -16.80 13.67
C PHE H 3 7.34 -16.46 13.29
N ILE H 4 8.30 -17.08 13.96
CA ILE H 4 9.70 -16.77 13.63
C ILE H 4 10.34 -17.84 12.76
N TYR H 5 10.99 -17.38 11.70
CA TYR H 5 11.67 -18.24 10.75
C TYR H 5 13.12 -17.83 10.66
N ARG H 6 14.02 -18.76 10.99
CA ARG H 6 15.46 -18.51 10.95
C ARG H 6 16.03 -19.03 9.65
N ARG H 7 16.95 -18.25 9.06
CA ARG H 7 17.55 -18.63 7.79
C ARG H 7 18.93 -17.96 7.66
N ARG H 8 19.79 -18.52 6.82
CA ARG H 8 21.12 -17.96 6.60
C ARG H 8 21.29 -17.74 5.09
N VAL H 9 21.84 -16.60 4.70
CA VAL H 9 22.07 -16.27 3.29
C VAL H 9 23.04 -17.24 2.61
N GLN H 10 22.63 -17.79 1.48
CA GLN H 10 23.46 -18.69 0.71
C GLN H 10 24.22 -17.86 -0.32
N PHE H 11 25.40 -18.31 -0.73
CA PHE H 11 26.22 -17.56 -1.70
C PHE H 11 25.54 -17.27 -3.04
N TYR H 12 24.86 -18.25 -3.62
CA TYR H 12 24.20 -18.04 -4.89
C TYR H 12 23.01 -17.08 -4.80
N GLU H 13 22.68 -16.63 -3.60
CA GLU H 13 21.56 -15.71 -3.43
C GLU H 13 21.98 -14.25 -3.50
N THR H 14 23.30 -14.02 -3.52
CA THR H 14 23.80 -12.67 -3.62
C THR H 14 24.07 -12.38 -5.09
N ASP H 15 24.38 -11.13 -5.39
CA ASP H 15 24.71 -10.72 -6.75
C ASP H 15 26.02 -9.94 -6.68
N ALA H 16 26.49 -9.45 -7.83
CA ALA H 16 27.74 -8.70 -7.92
C ALA H 16 27.82 -7.47 -7.01
N GLN H 17 26.70 -7.08 -6.42
CA GLN H 17 26.71 -5.92 -5.52
C GLN H 17 27.20 -6.35 -4.15
N GLY H 18 27.27 -7.65 -3.93
CA GLY H 18 27.73 -8.17 -2.65
C GLY H 18 26.60 -8.28 -1.66
N ILE H 19 25.38 -8.11 -2.15
CA ILE H 19 24.22 -8.19 -1.27
C ILE H 19 23.21 -9.19 -1.81
N VAL H 20 22.24 -9.57 -1.00
CA VAL H 20 21.21 -10.48 -1.45
C VAL H 20 20.33 -9.75 -2.45
N HIS H 21 20.10 -10.36 -3.61
CA HIS H 21 19.27 -9.77 -4.64
C HIS H 21 17.86 -9.62 -4.08
N HIS H 22 17.28 -8.44 -4.32
CA HIS H 22 15.96 -8.13 -3.79
C HIS H 22 14.87 -9.13 -4.14
N SER H 23 15.01 -9.81 -5.27
CA SER H 23 13.98 -10.80 -5.65
C SER H 23 13.99 -12.00 -4.73
N ASN H 24 15.13 -12.31 -4.13
CA ASN H 24 15.21 -13.47 -3.24
C ASN H 24 14.48 -13.31 -1.93
N TYR H 25 14.12 -12.07 -1.60
CA TYR H 25 13.41 -11.81 -0.35
C TYR H 25 12.03 -12.44 -0.44
N PHE H 26 11.42 -12.34 -1.60
CA PHE H 26 10.09 -12.92 -1.77
C PHE H 26 10.23 -14.42 -1.59
N ARG H 27 11.40 -14.96 -1.93
CA ARG H 27 11.64 -16.38 -1.77
C ARG H 27 11.74 -16.70 -0.28
N TYR H 28 12.44 -15.84 0.46
CA TYR H 28 12.56 -16.05 1.91
C TYR H 28 11.16 -15.97 2.53
N PHE H 29 10.32 -15.04 2.06
CA PHE H 29 8.96 -14.92 2.60
C PHE H 29 8.12 -16.15 2.35
N GLU H 30 8.30 -16.76 1.18
CA GLU H 30 7.56 -17.96 0.83
C GLU H 30 7.97 -19.08 1.77
N GLU H 31 9.25 -19.12 2.12
CA GLU H 31 9.77 -20.13 3.04
C GLU H 31 9.13 -20.00 4.42
N ALA H 32 9.16 -18.81 4.99
CA ALA H 32 8.55 -18.55 6.31
C ALA H 32 7.07 -18.96 6.24
N ARG H 33 6.42 -18.54 5.18
CA ARG H 33 5.03 -18.82 4.94
C ARG H 33 4.82 -20.33 4.93
N GLY H 34 5.70 -21.04 4.23
CA GLY H 34 5.60 -22.48 4.16
C GLY H 34 5.70 -23.12 5.51
N GLU H 35 6.64 -22.66 6.33
CA GLU H 35 6.81 -23.23 7.64
C GLU H 35 5.72 -22.77 8.61
N PHE H 36 5.14 -21.60 8.35
CA PHE H 36 4.08 -21.10 9.20
C PHE H 36 2.88 -22.02 9.08
N LEU H 37 2.42 -22.21 7.85
CA LEU H 37 1.29 -23.09 7.58
C LEU H 37 1.56 -24.51 8.06
N ARG H 38 2.81 -24.94 7.97
CA ARG H 38 3.17 -26.29 8.39
C ARG H 38 2.93 -26.50 9.88
N SER H 39 3.32 -25.53 10.70
CA SER H 39 3.15 -25.63 12.14
C SER H 39 1.70 -25.39 12.58
N LYS H 40 0.92 -24.75 11.74
CA LYS H 40 -0.48 -24.48 12.06
C LYS H 40 -1.42 -25.40 11.29
N LEU H 52 -6.67 -27.77 -3.16
CA LEU H 52 -6.85 -26.32 -3.19
C LEU H 52 -5.58 -25.64 -3.73
N GLU H 53 -5.74 -24.44 -4.28
CA GLU H 53 -4.60 -23.71 -4.83
C GLU H 53 -4.49 -22.28 -4.31
N VAL H 54 -3.33 -21.96 -3.72
CA VAL H 54 -3.07 -20.64 -3.17
C VAL H 54 -2.44 -19.72 -4.23
N VAL H 55 -3.08 -18.57 -4.48
CA VAL H 55 -2.58 -17.64 -5.48
C VAL H 55 -2.19 -16.29 -4.87
N LEU H 56 -1.12 -15.71 -5.41
CA LEU H 56 -0.61 -14.42 -4.94
C LEU H 56 -1.25 -13.26 -5.67
N LEU H 57 -1.99 -12.41 -4.95
CA LEU H 57 -2.63 -11.26 -5.56
C LEU H 57 -1.62 -10.15 -5.72
N ASN H 58 -0.83 -9.91 -4.68
CA ASN H 58 0.18 -8.87 -4.73
C ASN H 58 1.25 -9.07 -3.66
N ALA H 59 2.37 -8.38 -3.83
CA ALA H 59 3.48 -8.47 -2.90
C ALA H 59 4.22 -7.13 -2.83
N TYR H 60 4.75 -6.81 -1.65
CA TYR H 60 5.48 -5.58 -1.46
C TYR H 60 6.68 -5.76 -0.53
N CYS H 61 7.76 -5.06 -0.84
CA CYS H 61 8.92 -5.14 0.02
C CYS H 61 9.70 -3.84 0.00
N GLU H 62 10.05 -3.37 1.19
CA GLU H 62 10.86 -2.16 1.31
C GLU H 62 12.15 -2.62 1.98
N TYR H 63 13.28 -2.24 1.38
CA TYR H 63 14.59 -2.63 1.85
C TYR H 63 15.32 -1.50 2.56
N LYS H 64 15.66 -1.72 3.82
CA LYS H 64 16.35 -0.73 4.63
C LYS H 64 17.87 -0.93 4.60
N LYS H 65 18.33 -2.10 5.04
CA LYS H 65 19.75 -2.41 5.04
C LYS H 65 19.97 -3.73 4.30
N PRO H 66 21.13 -3.89 3.66
CA PRO H 66 21.42 -5.12 2.92
C PRO H 66 21.72 -6.35 3.77
N LEU H 67 21.61 -7.52 3.15
CA LEU H 67 21.93 -8.78 3.80
C LEU H 67 23.12 -9.28 3.01
N PHE H 68 24.12 -9.82 3.70
CA PHE H 68 25.34 -10.31 3.08
C PHE H 68 25.47 -11.83 3.16
N TYR H 69 26.32 -12.39 2.30
CA TYR H 69 26.55 -13.82 2.28
C TYR H 69 26.84 -14.33 3.68
N ASP H 70 26.17 -15.41 4.04
CA ASP H 70 26.34 -16.04 5.34
C ASP H 70 25.68 -15.34 6.53
N ASP H 71 24.96 -14.24 6.28
CA ASP H 71 24.29 -13.54 7.37
C ASP H 71 23.20 -14.42 7.96
N VAL H 72 23.09 -14.41 9.28
CA VAL H 72 22.05 -15.17 9.94
C VAL H 72 20.92 -14.16 10.18
N PHE H 73 19.77 -14.38 9.56
CA PHE H 73 18.66 -13.47 9.78
C PHE H 73 17.38 -14.21 10.16
N GLU H 74 16.37 -13.44 10.52
CA GLU H 74 15.09 -14.02 10.89
C GLU H 74 13.98 -13.29 10.17
N VAL H 75 12.94 -14.02 9.80
CA VAL H 75 11.79 -13.44 9.14
C VAL H 75 10.66 -13.60 10.14
N HIS H 76 10.07 -12.50 10.57
CA HIS H 76 8.96 -12.56 11.51
C HIS H 76 7.71 -12.39 10.69
N LEU H 77 6.90 -13.43 10.64
CA LEU H 77 5.66 -13.43 9.86
C LEU H 77 4.42 -13.22 10.71
N ASN H 78 3.53 -12.35 10.23
CA ASN H 78 2.30 -12.07 10.95
C ASN H 78 1.08 -12.03 10.06
N LEU H 79 -0.05 -12.49 10.58
CA LEU H 79 -1.30 -12.48 9.84
C LEU H 79 -1.89 -11.09 10.03
N GLU H 80 -1.85 -10.28 8.98
CA GLU H 80 -2.37 -8.92 9.06
C GLU H 80 -3.87 -8.88 8.87
N GLU H 81 -4.39 -9.80 8.07
CA GLU H 81 -5.82 -9.85 7.84
C GLU H 81 -6.30 -11.18 7.29
N LEU H 82 -7.42 -11.64 7.84
CA LEU H 82 -8.02 -12.89 7.40
C LEU H 82 -9.43 -12.59 6.93
N SER H 83 -9.57 -12.48 5.61
CA SER H 83 -10.84 -12.20 4.98
C SER H 83 -11.61 -13.49 4.70
N THR H 86 -9.43 -14.52 0.98
CA THR H 86 -8.32 -13.57 1.09
C THR H 86 -7.69 -13.50 2.48
N PHE H 87 -6.36 -13.47 2.50
CA PHE H 87 -5.58 -13.34 3.72
C PHE H 87 -4.24 -12.67 3.41
N THR H 88 -3.83 -11.76 4.28
CA THR H 88 -2.59 -11.02 4.10
C THR H 88 -1.59 -11.30 5.21
N PHE H 89 -0.31 -11.28 4.84
CA PHE H 89 0.79 -11.50 5.79
C PHE H 89 1.70 -10.29 5.77
N SER H 90 2.29 -9.98 6.92
CA SER H 90 3.23 -8.88 7.02
C SER H 90 4.52 -9.57 7.40
N TYR H 91 5.65 -9.01 7.01
CA TYR H 91 6.94 -9.62 7.32
C TYR H 91 7.91 -8.55 7.75
N ILE H 92 8.85 -8.94 8.61
CA ILE H 92 9.90 -8.04 9.07
C ILE H 92 11.15 -8.90 9.13
N VAL H 93 12.19 -8.44 8.45
CA VAL H 93 13.45 -9.18 8.41
C VAL H 93 14.46 -8.57 9.37
N PHE H 94 14.80 -9.32 10.40
CA PHE H 94 15.76 -8.87 11.41
C PHE H 94 17.13 -9.53 11.27
N LYS H 95 18.18 -8.72 11.38
CA LYS H 95 19.54 -9.25 11.38
C LYS H 95 20.20 -8.60 12.58
N GLU H 96 20.36 -9.37 13.66
CA GLU H 96 20.97 -8.84 14.88
C GLU H 96 20.03 -7.78 15.48
N ASP H 97 18.75 -8.13 15.51
CA ASP H 97 17.70 -7.27 16.06
C ASP H 97 17.44 -5.97 15.28
N ILE H 98 18.12 -5.78 14.17
CA ILE H 98 17.92 -4.58 13.34
C ILE H 98 17.05 -4.91 12.13
N ALA H 99 15.86 -4.33 12.08
CA ALA H 99 14.93 -4.58 10.98
C ALA H 99 15.53 -4.12 9.65
N VAL H 100 15.93 -5.07 8.81
CA VAL H 100 16.53 -4.73 7.52
C VAL H 100 15.54 -4.58 6.37
N ALA H 101 14.36 -5.15 6.52
CA ALA H 101 13.34 -5.04 5.49
C ALA H 101 11.96 -5.41 6.01
N LYS H 102 10.95 -4.76 5.46
CA LYS H 102 9.55 -5.00 5.82
C LYS H 102 8.82 -5.37 4.53
N ALA H 103 7.86 -6.27 4.63
CA ALA H 103 7.13 -6.69 3.44
C ALA H 103 5.73 -7.16 3.76
N ASN H 104 4.96 -7.37 2.70
CA ASN H 104 3.59 -7.86 2.84
C ASN H 104 3.13 -8.55 1.56
N THR H 105 2.37 -9.62 1.71
CA THR H 105 1.85 -10.36 0.56
C THR H 105 0.39 -10.67 0.82
N LYS H 106 -0.41 -10.57 -0.23
CA LYS H 106 -1.84 -10.85 -0.14
C LYS H 106 -2.07 -12.09 -0.99
N HIS H 107 -2.97 -12.95 -0.52
CA HIS H 107 -3.26 -14.20 -1.20
C HIS H 107 -4.76 -14.45 -1.30
N CYS H 108 -5.10 -15.57 -1.94
CA CYS H 108 -6.49 -15.99 -2.10
C CYS H 108 -6.48 -17.42 -2.61
N MET H 109 -7.62 -18.08 -2.51
CA MET H 109 -7.75 -19.44 -2.96
C MET H 109 -8.41 -19.40 -4.33
N VAL H 110 -7.77 -20.00 -5.33
CA VAL H 110 -8.30 -20.01 -6.67
C VAL H 110 -9.12 -21.26 -6.91
N LYS H 111 -10.27 -21.05 -7.52
CA LYS H 111 -11.22 -22.10 -7.81
C LYS H 111 -11.30 -22.26 -9.33
N ASN H 112 -10.33 -22.98 -9.92
CA ASN H 112 -10.28 -23.17 -11.37
C ASN H 112 -10.51 -21.83 -12.10
C1 GOL I . -42.24 33.01 -7.09
O1 GOL I . -42.77 32.88 -8.40
C2 GOL I . -42.47 34.43 -6.61
O2 GOL I . -43.72 34.54 -5.99
C3 GOL I . -41.39 34.86 -5.61
O3 GOL I . -41.77 36.07 -4.98
#